data_4N97
#
_entry.id   4N97
#
_cell.length_a   40.880
_cell.length_b   64.780
_cell.length_c   72.590
_cell.angle_alpha   73.910
_cell.angle_beta   84.510
_cell.angle_gamma   84.890
#
_symmetry.space_group_name_H-M   'P 1'
#
loop_
_entity.id
_entity.type
_entity.pdbx_description
1 polymer 'DNA polymerase III subunit beta'
2 non-polymer 5-nitro-1H-indole
3 non-polymer DI(HYDROXYETHYL)ETHER
4 non-polymer 'CALCIUM ION'
5 water water
#
_entity_poly.entity_id   1
_entity_poly.type   'polypeptide(L)'
_entity_poly.pdbx_seq_one_letter_code
;MKFTVEREHLLKPLQQVSGPLGGRPTLPILGNLLLQVADGTLSLTGTDLEMEMVARVALVQPHEPGATTVPARKFFDICR
GLPEGAEIAVQLEGERMLVRSGRSRFSLSTLPAADFPNLDDWQSEVEFTLPQATMKRLIEATQFSMAHQDVRYYLNGMLF
ETEGEELRTVATDGHRLAVCSMPIGQSLPSHSVIVPRKGVIELMRMLDGGDNPLRVQIGSNNIRAHVGDFIFTSKLVDGR
FPDYRRVLPKNPDKHLEAGCDLLKQAFARAAILSNEKFRGVRLYVSENQLKITANNPEQEEAEEILDVTYSGAEMEIGFN
VSYVLDVLNALKCENVRMMLTDSVSSVQIEDAASQSAAYVVMPMRL
;
_entity_poly.pdbx_strand_id   A,B
#
# COMPACT_ATOMS: atom_id res chain seq x y z
N MET A 1 27.87 28.51 -7.43
CA MET A 1 27.19 27.35 -8.09
C MET A 1 25.88 27.78 -8.74
N LYS A 2 25.77 27.60 -10.04
CA LYS A 2 24.53 27.83 -10.75
CA LYS A 2 24.51 27.78 -10.73
C LYS A 2 24.43 26.83 -11.91
N PHE A 3 23.25 26.22 -12.08
CA PHE A 3 22.97 25.41 -13.26
C PHE A 3 21.53 25.56 -13.69
N THR A 4 21.26 25.30 -14.96
CA THR A 4 19.87 25.22 -15.46
C THR A 4 19.77 23.89 -16.15
N VAL A 5 18.81 23.08 -15.75
CA VAL A 5 18.74 21.71 -16.21
C VAL A 5 17.30 21.25 -16.35
N GLU A 6 17.08 20.37 -17.30
CA GLU A 6 15.78 19.76 -17.53
C GLU A 6 15.34 19.00 -16.30
N ARG A 7 14.12 19.25 -15.83
CA ARG A 7 13.51 18.38 -14.83
C ARG A 7 13.67 16.90 -15.23
N GLU A 8 13.50 16.62 -16.51
CA GLU A 8 13.60 15.28 -17.06
C GLU A 8 14.90 14.56 -16.65
N HIS A 9 16.02 15.28 -16.65
CA HIS A 9 17.32 14.69 -16.33
C HIS A 9 17.67 14.60 -14.84
N LEU A 10 16.82 15.14 -13.98
CA LEU A 10 17.03 15.08 -12.53
C LEU A 10 16.20 14.02 -11.81
N LEU A 11 15.12 13.55 -12.45
CA LEU A 11 14.16 12.65 -11.77
C LEU A 11 14.78 11.36 -11.26
N LYS A 12 15.41 10.61 -12.15
CA LYS A 12 15.99 9.32 -11.79
C LYS A 12 17.23 9.47 -10.92
N PRO A 13 18.09 10.47 -11.21
CA PRO A 13 19.14 10.71 -10.23
C PRO A 13 18.63 11.00 -8.81
N LEU A 14 17.61 11.84 -8.68
CA LEU A 14 17.08 12.18 -7.35
C LEU A 14 16.45 11.00 -6.63
N GLN A 15 15.73 10.19 -7.40
CA GLN A 15 15.15 8.93 -6.94
C GLN A 15 16.22 7.98 -6.42
N GLN A 16 17.36 7.90 -7.09
CA GLN A 16 18.43 7.01 -6.65
C GLN A 16 19.16 7.51 -5.39
N VAL A 17 19.38 8.81 -5.29
CA VAL A 17 20.22 9.34 -4.20
C VAL A 17 19.42 9.65 -2.94
N SER A 18 18.09 9.67 -3.04
CA SER A 18 17.23 9.77 -1.86
C SER A 18 17.00 8.41 -1.19
N GLY A 19 17.74 7.38 -1.63
CA GLY A 19 17.75 6.07 -0.96
C GLY A 19 18.67 5.92 0.26
N PRO A 20 19.94 6.40 0.18
CA PRO A 20 20.87 6.38 1.34
C PRO A 20 20.75 7.58 2.31
N THR A 26 19.87 9.42 11.34
CA THR A 26 19.29 10.34 12.32
C THR A 26 19.82 11.76 12.11
N LEU A 27 21.13 11.90 12.07
CA LEU A 27 21.80 13.20 11.94
C LEU A 27 21.21 14.05 10.80
N PRO A 28 21.14 15.39 10.97
CA PRO A 28 20.42 16.25 10.03
C PRO A 28 20.99 16.36 8.60
N ILE A 29 22.30 16.53 8.46
CA ILE A 29 22.91 16.62 7.12
C ILE A 29 22.79 15.32 6.31
N LEU A 30 22.47 14.21 6.99
CA LEU A 30 22.20 12.93 6.31
C LEU A 30 20.88 12.94 5.55
N GLY A 31 19.98 13.87 5.87
CA GLY A 31 18.76 14.09 5.09
C GLY A 31 18.93 15.10 3.94
N ASN A 32 20.16 15.59 3.77
CA ASN A 32 20.51 16.51 2.70
C ASN A 32 21.21 15.82 1.54
N LEU A 33 21.17 16.47 0.37
CA LEU A 33 21.89 16.05 -0.82
C LEU A 33 23.03 16.98 -1.10
N LEU A 34 24.19 16.42 -1.43
CA LEU A 34 25.31 17.22 -1.87
C LEU A 34 25.19 17.41 -3.37
N LEU A 35 25.06 18.66 -3.81
CA LEU A 35 25.05 18.99 -5.23
C LEU A 35 26.40 19.60 -5.58
N GLN A 36 27.01 19.16 -6.67
CA GLN A 36 28.31 19.71 -7.07
C GLN A 36 28.36 19.97 -8.55
N VAL A 37 28.75 21.19 -8.93
CA VAL A 37 29.05 21.49 -10.32
C VAL A 37 30.57 21.68 -10.50
N ALA A 38 31.11 20.93 -11.44
CA ALA A 38 32.53 21.00 -11.78
C ALA A 38 32.68 20.35 -13.14
N ASP A 39 33.48 20.94 -14.01
CA ASP A 39 33.76 20.39 -15.34
C ASP A 39 32.46 20.00 -16.07
N GLY A 40 31.51 20.91 -16.12
CA GLY A 40 30.29 20.67 -16.88
C GLY A 40 29.44 19.49 -16.44
N THR A 41 29.59 19.08 -15.18
CA THR A 41 28.80 17.98 -14.62
C THR A 41 28.19 18.37 -13.29
N LEU A 42 26.93 18.01 -13.10
CA LEU A 42 26.27 18.09 -11.82
C LEU A 42 26.34 16.72 -11.15
N SER A 43 26.89 16.67 -9.93
CA SER A 43 26.90 15.43 -9.15
C SER A 43 25.96 15.58 -7.95
N LEU A 44 25.09 14.59 -7.74
CA LEU A 44 24.20 14.56 -6.60
C LEU A 44 24.53 13.36 -5.73
N THR A 45 24.73 13.56 -4.43
CA THR A 45 25.09 12.46 -3.52
C THR A 45 24.22 12.43 -2.28
N GLY A 46 23.74 11.23 -1.94
CA GLY A 46 23.04 10.97 -0.69
C GLY A 46 23.80 9.93 0.11
N THR A 47 23.58 9.91 1.43
CA THR A 47 24.33 9.03 2.31
C THR A 47 23.66 8.85 3.66
N ASP A 48 23.85 7.68 4.26
CA ASP A 48 23.42 7.45 5.63
C ASP A 48 24.61 7.06 6.51
N LEU A 49 25.82 7.50 6.11
CA LEU A 49 27.09 7.11 6.75
C LEU A 49 27.54 5.67 6.48
N GLU A 50 26.59 4.76 6.36
CA GLU A 50 26.88 3.34 6.06
C GLU A 50 27.06 3.11 4.56
N MET A 51 26.28 3.80 3.75
CA MET A 51 26.40 3.72 2.31
C MET A 51 26.17 5.07 1.67
N GLU A 52 26.44 5.13 0.38
CA GLU A 52 26.21 6.36 -0.38
C GLU A 52 25.87 6.04 -1.82
N MET A 53 25.14 6.96 -2.46
CA MET A 53 24.82 6.89 -3.87
C MET A 53 25.18 8.20 -4.53
N VAL A 54 25.97 8.11 -5.59
CA VAL A 54 26.43 9.27 -6.34
C VAL A 54 25.83 9.18 -7.74
N ALA A 55 25.09 10.21 -8.12
CA ALA A 55 24.52 10.31 -9.46
C ALA A 55 25.16 11.51 -10.18
N ARG A 56 25.32 11.40 -11.48
CA ARG A 56 25.90 12.50 -12.25
C ARG A 56 24.95 12.87 -13.37
N VAL A 57 24.82 14.17 -13.62
CA VAL A 57 24.04 14.73 -14.76
C VAL A 57 24.93 15.67 -15.58
N ALA A 58 24.84 15.55 -16.90
CA ALA A 58 25.53 16.46 -17.80
C ALA A 58 24.87 17.84 -17.83
N LEU A 59 25.68 18.90 -17.93
CA LEU A 59 25.19 20.30 -18.00
C LEU A 59 25.63 20.99 -19.30
N VAL A 60 24.69 21.24 -20.19
CA VAL A 60 25.02 21.89 -21.48
C VAL A 60 24.81 23.41 -21.43
N GLN A 61 23.88 23.84 -20.58
CA GLN A 61 23.50 25.25 -20.48
C GLN A 61 24.51 25.93 -19.56
N PRO A 62 24.68 27.27 -19.69
CA PRO A 62 25.56 28.03 -18.81
C PRO A 62 25.51 27.55 -17.39
N HIS A 63 26.66 27.43 -16.76
CA HIS A 63 26.69 26.94 -15.40
C HIS A 63 27.92 27.50 -14.71
N GLU A 64 27.86 27.55 -13.37
CA GLU A 64 28.97 27.99 -12.51
CA GLU A 64 29.03 27.93 -12.59
C GLU A 64 29.39 26.87 -11.58
N PRO A 65 30.70 26.58 -11.47
CA PRO A 65 31.13 25.55 -10.52
C PRO A 65 30.81 25.97 -9.08
N GLY A 66 30.68 24.97 -8.21
CA GLY A 66 30.45 25.19 -6.79
C GLY A 66 29.67 24.05 -6.16
N ALA A 67 29.38 24.14 -4.87
CA ALA A 67 28.69 23.04 -4.20
C ALA A 67 27.98 23.47 -2.93
N THR A 68 26.97 22.72 -2.56
CA THR A 68 26.20 22.98 -1.35
C THR A 68 25.39 21.73 -1.05
N THR A 69 24.63 21.74 0.03
CA THR A 69 23.73 20.65 0.33
C THR A 69 22.34 21.21 0.60
N VAL A 70 21.30 20.46 0.27
CA VAL A 70 19.90 20.85 0.53
C VAL A 70 19.08 19.65 1.01
N PRO A 71 17.95 19.91 1.68
CA PRO A 71 16.99 18.85 2.05
C PRO A 71 16.64 17.96 0.86
N ALA A 72 16.93 16.66 0.98
CA ALA A 72 16.78 15.73 -0.12
C ALA A 72 15.32 15.59 -0.53
N ARG A 73 14.45 15.28 0.43
CA ARG A 73 13.05 15.04 0.09
C ARG A 73 12.38 16.32 -0.46
N LYS A 74 12.72 17.49 0.08
CA LYS A 74 12.13 18.73 -0.38
C LYS A 74 12.58 19.07 -1.80
N PHE A 75 13.88 18.96 -2.08
CA PHE A 75 14.38 19.23 -3.43
C PHE A 75 13.78 18.26 -4.43
N PHE A 76 13.63 17.01 -4.00
CA PHE A 76 13.01 15.97 -4.81
C PHE A 76 11.53 16.19 -5.08
N ASP A 77 10.78 16.49 -4.02
CA ASP A 77 9.35 16.77 -4.14
C ASP A 77 9.12 18.02 -5.01
N ILE A 78 10.00 19.01 -4.91
CA ILE A 78 9.85 20.22 -5.72
C ILE A 78 10.00 19.89 -7.20
N CYS A 79 11.12 19.27 -7.53
CA CYS A 79 11.46 18.94 -8.90
C CYS A 79 10.41 18.03 -9.49
N ARG A 80 9.98 17.05 -8.70
CA ARG A 80 8.95 16.13 -9.11
C ARG A 80 7.60 16.82 -9.24
N GLY A 81 7.32 17.78 -8.37
CA GLY A 81 6.06 18.53 -8.40
C GLY A 81 5.93 19.48 -9.57
N LEU A 82 7.05 19.94 -10.13
CA LEU A 82 7.01 20.79 -11.34
C LEU A 82 6.38 20.07 -12.54
N PRO A 83 5.84 20.83 -13.50
CA PRO A 83 5.20 20.20 -14.65
C PRO A 83 6.20 19.54 -15.61
N GLU A 84 5.78 18.44 -16.23
CA GLU A 84 6.58 17.79 -17.26
C GLU A 84 7.06 18.81 -18.31
N GLY A 85 8.31 18.66 -18.75
CA GLY A 85 8.93 19.60 -19.68
C GLY A 85 9.52 20.82 -19.01
N ALA A 86 9.40 20.92 -17.69
CA ALA A 86 9.90 22.09 -16.97
C ALA A 86 11.43 22.18 -17.02
N GLU A 87 11.92 23.41 -17.11
CA GLU A 87 13.34 23.73 -16.91
C GLU A 87 13.54 24.18 -15.48
N ILE A 88 14.62 23.71 -14.85
CA ILE A 88 14.89 24.05 -13.47
C ILE A 88 16.21 24.80 -13.38
N ALA A 89 16.13 26.07 -13.00
CA ALA A 89 17.30 26.90 -12.82
C ALA A 89 17.57 26.94 -11.33
N VAL A 90 18.83 26.68 -10.98
CA VAL A 90 19.25 26.59 -9.59
C VAL A 90 20.44 27.52 -9.41
N GLN A 91 20.49 28.23 -8.30
CA GLN A 91 21.66 29.05 -8.01
C GLN A 91 21.84 29.14 -6.51
N LEU A 92 23.08 29.03 -6.08
CA LEU A 92 23.42 29.19 -4.70
C LEU A 92 23.54 30.68 -4.43
N GLU A 93 23.03 31.08 -3.27
CA GLU A 93 22.93 32.49 -2.93
C GLU A 93 23.11 32.63 -1.41
N GLY A 94 24.35 32.52 -0.95
CA GLY A 94 24.62 32.58 0.48
C GLY A 94 24.16 31.32 1.20
N GLU A 95 23.20 31.46 2.12
CA GLU A 95 22.74 30.34 2.93
C GLU A 95 21.45 29.75 2.36
N ARG A 96 21.09 30.12 1.14
CA ARG A 96 19.89 29.58 0.52
C ARG A 96 20.21 29.18 -0.92
N MET A 97 19.49 28.18 -1.39
CA MET A 97 19.57 27.78 -2.79
C MET A 97 18.23 28.14 -3.39
N LEU A 98 18.26 29.03 -4.37
CA LEU A 98 17.05 29.45 -5.08
C LEU A 98 16.83 28.51 -6.26
N VAL A 99 15.64 27.94 -6.35
CA VAL A 99 15.21 27.14 -7.48
C VAL A 99 14.12 27.88 -8.22
N ARG A 100 14.21 27.91 -9.55
CA ARG A 100 13.22 28.62 -10.35
C ARG A 100 12.84 27.84 -11.58
N SER A 101 11.55 27.82 -11.87
CA SER A 101 11.02 27.19 -13.06
C SER A 101 9.68 27.86 -13.40
N GLY A 102 9.53 28.33 -14.64
CA GLY A 102 8.36 29.13 -15.02
C GLY A 102 8.22 30.30 -14.07
N ARG A 103 7.01 30.47 -13.50
CA ARG A 103 6.80 31.44 -12.42
C ARG A 103 6.61 30.73 -11.08
N SER A 104 7.38 29.66 -10.87
CA SER A 104 7.48 29.02 -9.56
C SER A 104 8.85 29.31 -8.99
N ARG A 105 8.90 29.66 -7.70
CA ARG A 105 10.17 30.00 -7.05
C ARG A 105 10.28 29.31 -5.69
N PHE A 106 11.47 28.81 -5.38
CA PHE A 106 11.70 28.14 -4.11
C PHE A 106 13.06 28.51 -3.55
N SER A 107 13.08 28.82 -2.25
CA SER A 107 14.33 29.00 -1.56
C SER A 107 14.46 27.95 -0.46
N LEU A 108 15.47 27.10 -0.58
CA LEU A 108 15.72 26.00 0.35
C LEU A 108 16.90 26.34 1.25
N SER A 109 16.86 25.87 2.49
CA SER A 109 18.00 26.12 3.39
C SER A 109 19.13 25.17 3.02
N THR A 110 20.37 25.59 3.25
CA THR A 110 21.55 24.80 2.90
C THR A 110 22.44 24.50 4.10
N LEU A 111 23.29 23.50 3.96
CA LEU A 111 24.38 23.28 4.90
C LEU A 111 25.64 23.21 4.07
N PRO A 112 26.79 23.62 4.64
CA PRO A 112 28.00 23.72 3.82
C PRO A 112 28.43 22.40 3.21
N ALA A 113 28.91 22.44 1.96
CA ALA A 113 29.35 21.25 1.25
C ALA A 113 30.52 20.55 1.97
N ALA A 114 31.38 21.36 2.61
CA ALA A 114 32.47 20.85 3.44
C ALA A 114 31.99 19.96 4.58
N ASP A 115 30.85 20.31 5.19
CA ASP A 115 30.32 19.55 6.32
C ASP A 115 29.77 18.19 5.90
N PHE A 116 29.60 17.95 4.60
CA PHE A 116 28.98 16.70 4.13
C PHE A 116 29.94 15.53 4.34
N PRO A 117 29.46 14.42 4.92
CA PRO A 117 30.35 13.28 5.17
C PRO A 117 30.77 12.57 3.88
N ASN A 118 32.04 12.19 3.83
CA ASN A 118 32.53 11.34 2.75
C ASN A 118 32.93 10.04 3.40
N LEU A 119 32.61 8.92 2.76
CA LEU A 119 33.11 7.64 3.25
C LEU A 119 34.62 7.70 3.10
N ASP A 120 35.34 7.23 4.13
CA ASP A 120 36.81 7.21 4.10
C ASP A 120 37.28 6.60 2.80
N ASP A 121 38.42 7.06 2.31
CA ASP A 121 38.98 6.42 1.13
C ASP A 121 39.42 4.99 1.50
N TRP A 122 39.44 4.14 0.50
CA TRP A 122 39.77 2.73 0.69
C TRP A 122 40.29 2.23 -0.65
N GLN A 123 40.74 0.97 -0.68
CA GLN A 123 41.39 0.43 -1.87
C GLN A 123 40.63 -0.82 -2.35
N SER A 124 40.55 -0.99 -3.67
CA SER A 124 39.89 -2.14 -4.24
C SER A 124 40.85 -3.34 -4.25
N GLU A 125 40.36 -4.51 -3.84
CA GLU A 125 41.15 -5.74 -3.78
C GLU A 125 40.69 -6.78 -4.78
N VAL A 126 39.40 -6.73 -5.13
CA VAL A 126 38.76 -7.71 -6.00
C VAL A 126 37.80 -6.98 -6.93
N GLU A 127 37.84 -7.31 -8.23
CA GLU A 127 37.02 -6.61 -9.21
C GLU A 127 36.44 -7.54 -10.28
N PHE A 128 35.22 -7.24 -10.70
CA PHE A 128 34.59 -8.00 -11.78
C PHE A 128 33.41 -7.23 -12.37
N THR A 129 33.00 -7.61 -13.57
CA THR A 129 31.79 -7.08 -14.20
C THR A 129 30.82 -8.21 -14.42
N LEU A 130 29.53 -7.90 -14.33
CA LEU A 130 28.50 -8.86 -14.67
C LEU A 130 27.21 -8.17 -15.10
N PRO A 131 26.33 -8.90 -15.80
CA PRO A 131 25.05 -8.29 -16.15
C PRO A 131 24.24 -7.93 -14.91
N GLN A 132 23.55 -6.79 -15.02
CA GLN A 132 22.56 -6.38 -14.02
C GLN A 132 21.65 -7.53 -13.68
N ALA A 133 21.13 -8.18 -14.74
CA ALA A 133 20.22 -9.32 -14.63
C ALA A 133 20.72 -10.45 -13.73
N THR A 134 22.02 -10.72 -13.80
CA THR A 134 22.64 -11.77 -12.97
C THR A 134 22.68 -11.34 -11.51
N MET A 135 23.10 -10.12 -11.27
CA MET A 135 23.10 -9.56 -9.92
C MET A 135 21.68 -9.59 -9.33
N LYS A 136 20.68 -9.20 -10.13
CA LYS A 136 19.27 -9.23 -9.68
C LYS A 136 18.81 -10.67 -9.37
N ARG A 137 19.17 -11.62 -10.21
CA ARG A 137 18.84 -13.01 -9.94
C ARG A 137 19.50 -13.48 -8.64
N LEU A 138 20.77 -13.10 -8.44
CA LEU A 138 21.53 -13.56 -7.29
C LEU A 138 20.92 -13.05 -5.99
N ILE A 139 20.52 -11.78 -6.01
CA ILE A 139 19.93 -11.13 -4.85
C ILE A 139 18.52 -11.66 -4.60
N GLU A 140 17.70 -11.70 -5.64
CA GLU A 140 16.31 -12.21 -5.55
C GLU A 140 16.22 -13.64 -5.03
N ALA A 141 17.13 -14.49 -5.49
CA ALA A 141 17.19 -15.87 -5.07
C ALA A 141 17.30 -16.03 -3.54
N THR A 142 17.94 -15.09 -2.86
CA THR A 142 18.31 -15.30 -1.45
C THR A 142 17.92 -14.22 -0.47
N GLN A 143 17.54 -13.05 -1.00
CA GLN A 143 17.24 -11.86 -0.18
C GLN A 143 16.33 -12.14 1.01
N PHE A 144 15.27 -12.88 0.77
CA PHE A 144 14.23 -13.14 1.78
C PHE A 144 14.74 -13.96 2.98
N SER A 145 15.84 -14.70 2.81
CA SER A 145 16.42 -15.48 3.93
C SER A 145 17.39 -14.70 4.79
N MET A 146 17.60 -13.41 4.52
CA MET A 146 18.44 -12.61 5.41
C MET A 146 17.77 -12.43 6.77
N ALA A 147 18.58 -12.39 7.83
CA ALA A 147 18.12 -11.97 9.14
C ALA A 147 17.81 -10.48 9.09
N HIS A 148 16.88 -10.03 9.94
CA HIS A 148 16.46 -8.63 9.92
C HIS A 148 17.16 -7.80 10.98
N GLN A 149 17.03 -8.22 12.23
CA GLN A 149 17.50 -7.45 13.37
C GLN A 149 17.99 -8.44 14.43
N ASP A 150 18.92 -9.30 14.00
CA ASP A 150 19.46 -10.36 14.84
C ASP A 150 20.70 -9.86 15.58
N VAL A 151 20.80 -10.24 16.85
CA VAL A 151 22.01 -9.99 17.65
C VAL A 151 23.29 -10.40 16.90
N ARG A 152 23.22 -11.54 16.20
CA ARG A 152 24.30 -11.99 15.32
C ARG A 152 24.34 -11.10 14.08
N TYR A 153 24.93 -9.92 14.26
CA TYR A 153 24.99 -8.86 13.24
C TYR A 153 25.33 -9.36 11.82
N TYR A 154 26.20 -10.37 11.74
CA TYR A 154 26.71 -10.90 10.47
C TYR A 154 25.66 -11.65 9.63
N LEU A 155 24.50 -11.95 10.21
CA LEU A 155 23.39 -12.50 9.45
C LEU A 155 22.45 -11.40 8.93
N ASN A 156 22.62 -10.16 9.40
CA ASN A 156 21.74 -9.07 8.96
C ASN A 156 22.24 -8.51 7.62
N GLY A 157 22.24 -9.37 6.61
CA GLY A 157 22.89 -9.07 5.34
C GLY A 157 23.16 -10.32 4.55
N MET A 158 23.99 -10.19 3.52
CA MET A 158 24.17 -11.20 2.49
C MET A 158 25.64 -11.41 2.18
N LEU A 159 26.05 -12.68 2.10
CA LEU A 159 27.42 -13.04 1.72
C LEU A 159 27.53 -12.90 0.22
N PHE A 160 28.57 -12.20 -0.23
CA PHE A 160 28.95 -12.22 -1.61
C PHE A 160 30.26 -13.00 -1.69
N GLU A 161 30.22 -14.15 -2.37
CA GLU A 161 31.37 -15.01 -2.48
C GLU A 161 31.80 -15.13 -3.93
N THR A 162 33.10 -15.01 -4.15
CA THR A 162 33.70 -15.28 -5.44
C THR A 162 34.40 -16.64 -5.32
N GLU A 163 34.09 -17.56 -6.22
CA GLU A 163 34.78 -18.84 -6.24
C GLU A 163 34.85 -19.31 -7.68
N GLY A 164 36.06 -19.62 -8.14
CA GLY A 164 36.24 -20.06 -9.52
C GLY A 164 35.88 -18.95 -10.48
N GLU A 165 34.89 -19.20 -11.34
CA GLU A 165 34.32 -18.16 -12.21
C GLU A 165 32.89 -17.84 -11.79
N GLU A 166 32.56 -18.06 -10.52
CA GLU A 166 31.18 -17.86 -10.05
C GLU A 166 31.11 -16.75 -9.03
N LEU A 167 30.04 -15.95 -9.11
CA LEU A 167 29.62 -15.16 -7.96
C LEU A 167 28.48 -15.92 -7.28
N ARG A 168 28.53 -15.95 -5.96
CA ARG A 168 27.53 -16.60 -5.16
C ARG A 168 27.02 -15.66 -4.08
N THR A 169 25.71 -15.72 -3.82
CA THR A 169 25.15 -15.12 -2.62
C THR A 169 24.65 -16.22 -1.71
N VAL A 170 24.83 -16.00 -0.42
CA VAL A 170 24.29 -16.84 0.63
C VAL A 170 23.60 -15.92 1.62
N ALA A 171 22.43 -16.30 2.11
CA ALA A 171 21.75 -15.58 3.16
C ALA A 171 21.12 -16.57 4.12
N THR A 172 21.08 -16.22 5.39
CA THR A 172 20.46 -17.09 6.39
C THR A 172 20.14 -16.37 7.70
N ASP A 173 19.09 -16.85 8.38
CA ASP A 173 18.67 -16.30 9.68
C ASP A 173 18.79 -17.32 10.80
N GLY A 174 19.44 -18.44 10.50
CA GLY A 174 19.74 -19.46 11.49
C GLY A 174 18.76 -20.61 11.45
N HIS A 175 17.68 -20.43 10.68
CA HIS A 175 16.56 -21.37 10.62
C HIS A 175 16.30 -21.82 9.23
N ARG A 176 16.42 -20.89 8.29
CA ARG A 176 16.43 -21.18 6.89
C ARG A 176 17.60 -20.49 6.20
N LEU A 177 18.10 -21.11 5.14
CA LEU A 177 19.27 -20.62 4.42
C LEU A 177 19.00 -20.72 2.95
N ALA A 178 19.54 -19.76 2.20
CA ALA A 178 19.41 -19.71 0.75
C ALA A 178 20.79 -19.57 0.12
N VAL A 179 21.06 -20.33 -0.96
CA VAL A 179 22.29 -20.15 -1.73
C VAL A 179 21.98 -20.07 -3.19
N CYS A 180 22.70 -19.20 -3.90
CA CYS A 180 22.60 -19.10 -5.35
C CYS A 180 23.96 -18.76 -5.95
N SER A 181 24.35 -19.46 -7.01
CA SER A 181 25.61 -19.18 -7.72
C SER A 181 25.33 -18.99 -9.20
N MET A 182 26.10 -18.09 -9.83
CA MET A 182 25.96 -17.76 -11.25
C MET A 182 27.35 -17.59 -11.83
N PRO A 183 27.56 -18.04 -13.09
CA PRO A 183 28.89 -17.89 -13.68
C PRO A 183 29.04 -16.53 -14.34
N ILE A 184 30.18 -15.87 -14.14
CA ILE A 184 30.41 -14.54 -14.73
C ILE A 184 31.55 -14.49 -15.78
N GLY A 185 32.15 -15.64 -16.10
CA GLY A 185 33.05 -15.78 -17.26
C GLY A 185 34.39 -15.10 -17.06
N GLN A 186 34.83 -15.09 -15.81
CA GLN A 186 36.06 -14.44 -15.42
C GLN A 186 36.67 -15.31 -14.35
N SER A 187 37.99 -15.48 -14.38
CA SER A 187 38.71 -16.18 -13.33
C SER A 187 38.77 -15.27 -12.10
N LEU A 188 38.28 -15.77 -10.96
CA LEU A 188 38.22 -14.95 -9.74
C LEU A 188 39.00 -15.56 -8.58
N PRO A 189 39.60 -14.72 -7.73
CA PRO A 189 40.15 -15.23 -6.47
C PRO A 189 39.01 -15.62 -5.54
N SER A 190 39.25 -16.59 -4.65
CA SER A 190 38.24 -17.03 -3.71
C SER A 190 38.16 -16.03 -2.58
N HIS A 191 36.97 -15.45 -2.36
CA HIS A 191 36.84 -14.32 -1.46
C HIS A 191 35.39 -14.12 -0.98
N SER A 192 35.24 -13.73 0.28
CA SER A 192 33.93 -13.65 0.90
C SER A 192 33.73 -12.36 1.66
N VAL A 193 32.68 -11.62 1.33
CA VAL A 193 32.29 -10.49 2.16
C VAL A 193 30.79 -10.46 2.45
N ILE A 194 30.46 -9.77 3.54
CA ILE A 194 29.10 -9.64 3.99
C ILE A 194 28.63 -8.22 3.74
N VAL A 195 27.64 -8.08 2.87
CA VAL A 195 26.99 -6.80 2.60
C VAL A 195 25.78 -6.64 3.54
N PRO A 196 25.71 -5.51 4.26
CA PRO A 196 24.52 -5.27 5.08
C PRO A 196 23.22 -5.21 4.26
N ARG A 197 22.15 -5.76 4.84
CA ARG A 197 20.86 -5.86 4.16
C ARG A 197 20.37 -4.56 3.53
N LYS A 198 20.57 -3.44 4.22
CA LYS A 198 20.16 -2.11 3.70
C LYS A 198 20.92 -1.82 2.40
N GLY A 199 22.20 -2.22 2.40
CA GLY A 199 23.05 -2.14 1.23
C GLY A 199 22.56 -3.00 0.08
N VAL A 200 22.15 -4.23 0.40
CA VAL A 200 21.60 -5.15 -0.58
C VAL A 200 20.30 -4.61 -1.22
N ILE A 201 19.44 -4.06 -0.38
CA ILE A 201 18.17 -3.49 -0.83
C ILE A 201 18.46 -2.32 -1.76
N GLU A 202 19.38 -1.43 -1.38
CA GLU A 202 19.71 -0.29 -2.25
C GLU A 202 20.40 -0.72 -3.56
N LEU A 203 21.26 -1.74 -3.50
CA LEU A 203 21.93 -2.22 -4.71
C LEU A 203 20.90 -2.74 -5.70
N MET A 204 19.91 -3.43 -5.16
CA MET A 204 18.83 -3.99 -5.96
C MET A 204 18.03 -2.87 -6.65
N ARG A 205 17.72 -1.80 -5.92
CA ARG A 205 16.88 -0.74 -6.46
C ARG A 205 17.57 0.10 -7.55
N MET A 206 18.90 0.03 -7.65
CA MET A 206 19.60 0.71 -8.71
C MET A 206 19.74 -0.15 -9.96
N LEU A 207 19.31 -1.41 -9.86
CA LEU A 207 19.36 -2.34 -10.98
C LEU A 207 18.01 -2.33 -11.71
N ASP A 208 17.95 -1.61 -12.83
CA ASP A 208 16.68 -1.37 -13.52
C ASP A 208 16.15 -2.55 -14.33
N GLY A 209 16.97 -3.59 -14.52
CA GLY A 209 16.58 -4.71 -15.37
C GLY A 209 16.63 -4.32 -16.83
N GLY A 210 17.81 -3.90 -17.25
CA GLY A 210 18.09 -3.57 -18.64
C GLY A 210 19.44 -4.15 -19.03
N ASP A 211 19.88 -3.86 -20.24
CA ASP A 211 21.21 -4.28 -20.67
C ASP A 211 22.20 -3.18 -20.30
N ASN A 212 23.18 -3.56 -19.49
CA ASN A 212 24.11 -2.62 -18.89
C ASN A 212 24.98 -3.45 -17.95
N PRO A 213 26.30 -3.49 -18.16
CA PRO A 213 27.06 -4.25 -17.18
C PRO A 213 27.21 -3.45 -15.87
N LEU A 214 27.15 -4.16 -14.76
CA LEU A 214 27.51 -3.64 -13.46
C LEU A 214 29.01 -3.87 -13.26
N ARG A 215 29.73 -2.91 -12.69
CA ARG A 215 31.12 -3.11 -12.24
C ARG A 215 31.22 -3.11 -10.71
N VAL A 216 31.80 -4.19 -10.19
CA VAL A 216 31.90 -4.37 -8.75
C VAL A 216 33.36 -4.26 -8.28
N GLN A 217 33.55 -3.53 -7.20
CA GLN A 217 34.85 -3.35 -6.60
C GLN A 217 34.69 -3.67 -5.14
N ILE A 218 35.49 -4.62 -4.65
CA ILE A 218 35.42 -5.04 -3.26
C ILE A 218 36.73 -4.71 -2.56
N GLY A 219 36.62 -4.00 -1.44
CA GLY A 219 37.76 -3.69 -0.58
C GLY A 219 37.72 -4.55 0.66
N SER A 220 38.69 -4.34 1.56
CA SER A 220 38.71 -5.03 2.84
C SER A 220 37.46 -4.72 3.67
N ASN A 221 36.96 -3.49 3.58
CA ASN A 221 35.79 -3.06 4.39
C ASN A 221 34.69 -2.38 3.60
N ASN A 222 34.73 -2.52 2.28
CA ASN A 222 33.83 -1.77 1.42
C ASN A 222 33.47 -2.54 0.18
N ILE A 223 32.29 -2.26 -0.35
CA ILE A 223 31.89 -2.75 -1.66
C ILE A 223 31.38 -1.55 -2.46
N ARG A 224 31.67 -1.55 -3.77
CA ARG A 224 31.21 -0.49 -4.67
C ARG A 224 30.64 -1.12 -5.93
N ALA A 225 29.54 -0.55 -6.43
CA ALA A 225 28.92 -0.95 -7.69
C ALA A 225 28.76 0.27 -8.59
N HIS A 226 29.20 0.16 -9.85
CA HIS A 226 29.03 1.20 -10.86
C HIS A 226 28.02 0.69 -11.88
N VAL A 227 26.95 1.44 -12.16
CA VAL A 227 26.13 1.14 -13.35
C VAL A 227 25.60 2.44 -13.95
N GLY A 228 25.70 2.57 -15.27
CA GLY A 228 25.34 3.82 -15.92
C GLY A 228 26.03 4.96 -15.21
N ASP A 229 25.27 5.98 -14.83
CA ASP A 229 25.83 7.20 -14.25
C ASP A 229 25.73 7.20 -12.71
N PHE A 230 25.60 6.02 -12.11
CA PHE A 230 25.45 5.90 -10.67
C PHE A 230 26.64 5.15 -10.05
N ILE A 231 27.04 5.59 -8.87
CA ILE A 231 28.04 4.86 -8.09
C ILE A 231 27.51 4.67 -6.67
N PHE A 232 27.30 3.41 -6.30
CA PHE A 232 26.86 3.02 -4.97
C PHE A 232 28.04 2.39 -4.20
N THR A 233 28.26 2.84 -2.98
CA THR A 233 29.32 2.34 -2.12
C THR A 233 28.74 2.04 -0.76
N SER A 234 29.02 0.85 -0.23
CA SER A 234 28.60 0.45 1.10
C SER A 234 29.78 -0.08 1.89
N LYS A 235 29.76 0.14 3.20
CA LYS A 235 30.61 -0.61 4.12
C LYS A 235 30.21 -2.07 4.13
N LEU A 236 31.16 -2.93 4.47
CA LEU A 236 30.88 -4.35 4.70
C LEU A 236 30.61 -4.60 6.16
N VAL A 237 29.99 -5.74 6.48
CA VAL A 237 29.73 -6.16 7.85
C VAL A 237 30.85 -7.08 8.31
N ASP A 238 31.35 -6.78 9.50
CA ASP A 238 32.63 -7.28 9.97
C ASP A 238 32.42 -8.45 10.93
N GLY A 239 32.17 -9.65 10.39
CA GLY A 239 32.00 -10.87 11.20
C GLY A 239 32.24 -12.19 10.47
N ARG A 240 31.80 -13.30 11.08
CA ARG A 240 32.08 -14.66 10.56
C ARG A 240 30.83 -15.37 10.06
N PHE A 241 30.62 -15.32 8.76
CA PHE A 241 29.44 -15.90 8.15
C PHE A 241 29.50 -17.43 8.16
N PRO A 242 28.38 -18.10 8.46
CA PRO A 242 28.43 -19.57 8.46
C PRO A 242 28.69 -20.15 7.07
N ASP A 243 29.12 -21.41 7.03
CA ASP A 243 29.56 -22.04 5.82
C ASP A 243 28.40 -22.84 5.27
N TYR A 244 27.85 -22.40 4.14
CA TYR A 244 26.68 -23.07 3.57
C TYR A 244 26.91 -24.56 3.35
N ARG A 245 28.17 -24.94 3.09
CA ARG A 245 28.50 -26.32 2.77
C ARG A 245 28.22 -27.28 3.94
N ARG A 246 28.39 -26.77 5.16
CA ARG A 246 28.11 -27.51 6.39
C ARG A 246 26.62 -27.48 6.77
N VAL A 247 25.86 -26.58 6.17
CA VAL A 247 24.43 -26.45 6.44
C VAL A 247 23.64 -27.37 5.53
N LEU A 248 24.11 -27.57 4.30
CA LEU A 248 23.46 -28.50 3.38
C LEU A 248 23.39 -29.86 4.07
N PRO A 249 22.22 -30.53 4.06
CA PRO A 249 22.20 -31.87 4.66
C PRO A 249 23.14 -32.86 3.97
N LYS A 250 23.95 -33.57 4.73
CA LYS A 250 25.06 -34.35 4.13
C LYS A 250 24.63 -35.52 3.23
N ASN A 251 23.52 -36.17 3.55
CA ASN A 251 22.91 -37.17 2.65
C ASN A 251 21.38 -37.24 2.80
N PRO A 252 20.68 -36.25 2.24
CA PRO A 252 19.23 -36.26 2.26
C PRO A 252 18.73 -37.32 1.28
N ASP A 253 18.56 -38.53 1.79
CA ASP A 253 18.30 -39.70 0.95
C ASP A 253 16.87 -39.80 0.39
N LYS A 254 15.92 -39.15 1.06
CA LYS A 254 14.51 -39.21 0.68
C LYS A 254 14.16 -38.04 -0.24
N HIS A 255 13.86 -38.34 -1.50
CA HIS A 255 13.69 -37.30 -2.49
C HIS A 255 12.27 -37.29 -2.99
N LEU A 256 11.59 -36.16 -2.84
CA LEU A 256 10.22 -36.00 -3.31
C LEU A 256 10.13 -34.82 -4.26
N GLU A 257 9.43 -35.02 -5.38
CA GLU A 257 9.15 -33.95 -6.35
C GLU A 257 7.67 -33.63 -6.37
N ALA A 258 7.35 -32.34 -6.53
CA ALA A 258 5.98 -31.84 -6.49
C ALA A 258 5.84 -30.58 -7.32
N GLY A 259 4.66 -30.38 -7.90
CA GLY A 259 4.35 -29.11 -8.57
C GLY A 259 4.50 -27.95 -7.62
N CYS A 260 5.32 -26.96 -8.00
CA CYS A 260 5.63 -25.80 -7.17
C CYS A 260 4.36 -25.07 -6.69
N ASP A 261 3.46 -24.81 -7.63
CA ASP A 261 2.32 -23.96 -7.35
C ASP A 261 1.27 -24.70 -6.53
N LEU A 262 1.00 -25.95 -6.90
CA LEU A 262 0.11 -26.80 -6.10
C LEU A 262 0.60 -26.93 -4.66
N LEU A 263 1.91 -27.09 -4.49
CA LEU A 263 2.52 -27.17 -3.16
C LEU A 263 2.26 -25.86 -2.43
N LYS A 264 2.57 -24.76 -3.10
CA LYS A 264 2.38 -23.43 -2.54
C LYS A 264 0.92 -23.18 -2.12
N GLN A 265 -0.02 -23.44 -3.01
CA GLN A 265 -1.43 -23.18 -2.70
C GLN A 265 -1.94 -24.09 -1.57
N ALA A 266 -1.41 -25.31 -1.48
CA ALA A 266 -1.83 -26.24 -0.45
C ALA A 266 -1.23 -25.81 0.88
N PHE A 267 0.01 -25.34 0.83
CA PHE A 267 0.64 -24.75 2.02
C PHE A 267 -0.13 -23.54 2.52
N ALA A 268 -0.43 -22.64 1.57
CA ALA A 268 -1.12 -21.38 1.87
C ALA A 268 -2.54 -21.61 2.41
N ARG A 269 -3.27 -22.55 1.82
CA ARG A 269 -4.63 -22.86 2.28
C ARG A 269 -4.63 -23.50 3.65
N ALA A 270 -3.78 -24.52 3.83
CA ALA A 270 -3.67 -25.24 5.11
C ALA A 270 -3.30 -24.30 6.24
N ALA A 271 -2.39 -23.36 5.97
CA ALA A 271 -1.96 -22.39 6.98
C ALA A 271 -3.10 -21.56 7.56
N ILE A 272 -4.21 -21.48 6.83
CA ILE A 272 -5.35 -20.70 7.33
C ILE A 272 -5.80 -21.25 8.72
N LEU A 273 -5.73 -22.55 8.91
CA LEU A 273 -6.17 -23.19 10.14
C LEU A 273 -5.00 -23.63 11.04
N SER A 274 -3.84 -23.00 10.86
CA SER A 274 -2.69 -23.29 11.74
C SER A 274 -2.75 -22.29 12.87
N ASN A 275 -1.78 -22.38 13.77
CA ASN A 275 -1.67 -21.40 14.86
C ASN A 275 -1.28 -20.01 14.35
N GLU A 276 -2.08 -19.00 14.66
CA GLU A 276 -1.84 -17.63 14.17
C GLU A 276 -0.47 -17.05 14.54
N LYS A 277 0.08 -17.43 15.68
CA LYS A 277 1.33 -16.85 16.10
C LYS A 277 2.53 -17.58 15.50
N PHE A 278 2.48 -18.92 15.45
CA PHE A 278 3.55 -19.72 14.89
C PHE A 278 2.99 -20.67 13.83
N ARG A 279 2.85 -20.17 12.61
CA ARG A 279 2.14 -20.92 11.56
C ARG A 279 3.01 -22.05 11.06
N GLY A 280 2.64 -23.28 11.39
CA GLY A 280 3.31 -24.47 10.88
C GLY A 280 2.30 -25.50 10.40
N VAL A 281 2.75 -26.35 9.47
CA VAL A 281 1.94 -27.45 8.95
C VAL A 281 2.72 -28.75 9.08
N ARG A 282 2.01 -29.85 9.29
CA ARG A 282 2.61 -31.17 9.33
C ARG A 282 2.54 -31.81 7.96
N LEU A 283 3.65 -32.39 7.52
CA LEU A 283 3.70 -33.13 6.26
C LEU A 283 3.86 -34.62 6.55
N TYR A 284 2.97 -35.44 6.00
CA TYR A 284 3.08 -36.91 6.05
CA TYR A 284 3.13 -36.88 6.05
C TYR A 284 3.44 -37.37 4.65
N VAL A 285 4.69 -37.81 4.46
CA VAL A 285 5.14 -38.27 3.16
C VAL A 285 4.97 -39.79 3.11
N SER A 286 4.32 -40.25 2.06
CA SER A 286 4.14 -41.67 1.81
C SER A 286 4.21 -41.89 0.28
N GLU A 287 4.05 -43.14 -0.14
CA GLU A 287 4.22 -43.52 -1.53
C GLU A 287 3.49 -42.56 -2.48
N ASN A 288 4.27 -41.81 -3.25
CA ASN A 288 3.74 -40.87 -4.23
C ASN A 288 2.56 -40.02 -3.69
N GLN A 289 2.66 -39.59 -2.43
CA GLN A 289 1.60 -38.77 -1.82
C GLN A 289 2.13 -37.94 -0.67
N LEU A 290 1.63 -36.70 -0.62
CA LEU A 290 1.91 -35.78 0.45
C LEU A 290 0.57 -35.30 0.99
N LYS A 291 0.48 -35.29 2.31
CA LYS A 291 -0.65 -34.77 3.03
C LYS A 291 -0.09 -33.67 3.91
N ILE A 292 -0.70 -32.49 3.82
CA ILE A 292 -0.36 -31.35 4.65
C ILE A 292 -1.52 -31.10 5.61
N THR A 293 -1.24 -31.04 6.91
CA THR A 293 -2.28 -30.77 7.89
C THR A 293 -1.90 -29.62 8.79
N ALA A 294 -2.91 -28.90 9.24
CA ALA A 294 -2.71 -27.82 10.16
C ALA A 294 -3.76 -27.90 11.25
N ASN A 295 -3.40 -27.39 12.42
CA ASN A 295 -4.30 -27.32 13.56
C ASN A 295 -4.11 -26.02 14.30
N ASN A 296 -5.13 -25.63 15.04
CA ASN A 296 -5.09 -24.42 15.85
C ASN A 296 -5.74 -24.64 17.21
N PRO A 297 -5.62 -23.67 18.13
CA PRO A 297 -6.27 -23.81 19.45
C PRO A 297 -7.81 -23.90 19.45
N GLU A 298 -8.43 -23.58 18.32
CA GLU A 298 -9.88 -23.68 18.17
C GLU A 298 -10.29 -25.13 17.90
N GLN A 299 -9.31 -26.01 17.80
CA GLN A 299 -9.51 -27.39 17.36
C GLN A 299 -10.02 -27.46 15.91
N GLU A 300 -9.71 -26.43 15.13
CA GLU A 300 -10.03 -26.43 13.71
C GLU A 300 -8.88 -27.15 12.99
N GLU A 301 -9.15 -27.76 11.84
CA GLU A 301 -8.13 -28.57 11.14
C GLU A 301 -8.26 -28.41 9.64
N ALA A 302 -7.12 -28.36 8.97
CA ALA A 302 -7.03 -28.33 7.52
C ALA A 302 -6.26 -29.58 7.09
N GLU A 303 -6.63 -30.13 5.95
CA GLU A 303 -5.93 -31.23 5.34
C GLU A 303 -5.95 -31.05 3.82
N GLU A 304 -4.77 -31.08 3.22
CA GLU A 304 -4.60 -31.11 1.78
C GLU A 304 -3.91 -32.41 1.41
N ILE A 305 -4.40 -33.09 0.38
CA ILE A 305 -3.71 -34.24 -0.16
C ILE A 305 -3.26 -33.87 -1.58
N LEU A 306 -2.00 -34.16 -1.87
CA LEU A 306 -1.38 -33.83 -3.13
C LEU A 306 -0.74 -35.09 -3.69
N ASP A 307 -0.86 -35.25 -5.00
CA ASP A 307 -0.03 -36.19 -5.72
C ASP A 307 1.39 -35.60 -5.82
N VAL A 308 2.39 -36.42 -5.47
CA VAL A 308 3.80 -36.07 -5.55
C VAL A 308 4.57 -37.29 -6.05
N THR A 309 5.87 -37.12 -6.31
CA THR A 309 6.72 -38.26 -6.65
C THR A 309 7.57 -38.56 -5.43
N TYR A 310 7.31 -39.71 -4.81
CA TYR A 310 8.09 -40.15 -3.65
C TYR A 310 7.96 -41.64 -3.39
N SER A 311 9.10 -42.31 -3.33
CA SER A 311 9.19 -43.68 -2.84
C SER A 311 10.31 -43.67 -1.82
N GLY A 312 10.12 -44.39 -0.73
CA GLY A 312 11.04 -44.33 0.37
C GLY A 312 10.24 -44.25 1.63
N ALA A 313 10.94 -44.33 2.76
CA ALA A 313 10.29 -44.48 4.07
C ALA A 313 9.28 -43.36 4.33
N GLU A 314 8.13 -43.74 4.87
CA GLU A 314 7.15 -42.78 5.32
C GLU A 314 7.68 -42.02 6.52
N MET A 315 7.29 -40.76 6.64
CA MET A 315 7.61 -39.96 7.82
C MET A 315 6.65 -38.80 7.93
N GLU A 316 6.57 -38.27 9.15
CA GLU A 316 5.84 -37.04 9.45
C GLU A 316 6.88 -35.99 9.86
N ILE A 317 6.79 -34.80 9.29
CA ILE A 317 7.69 -33.71 9.65
C ILE A 317 6.94 -32.40 9.50
N GLY A 318 7.15 -31.48 10.44
CA GLY A 318 6.50 -30.18 10.38
C GLY A 318 7.39 -29.15 9.72
N PHE A 319 6.77 -28.14 9.10
CA PHE A 319 7.49 -26.95 8.67
C PHE A 319 6.75 -25.64 8.98
N ASN A 320 7.54 -24.62 9.24
CA ASN A 320 7.07 -23.24 9.20
C ASN A 320 6.56 -22.90 7.80
N VAL A 321 5.34 -22.38 7.74
CA VAL A 321 4.67 -22.10 6.48
C VAL A 321 5.39 -21.03 5.67
N SER A 322 5.80 -19.97 6.33
CA SER A 322 6.39 -18.81 5.64
C SER A 322 7.76 -19.13 5.07
N TYR A 323 8.53 -19.97 5.78
CA TYR A 323 9.84 -20.41 5.28
C TYR A 323 9.67 -21.15 3.96
N VAL A 324 8.69 -22.04 3.91
CA VAL A 324 8.49 -22.82 2.70
C VAL A 324 7.91 -21.93 1.61
N LEU A 325 6.86 -21.19 1.93
CA LEU A 325 6.26 -20.27 0.95
C LEU A 325 7.31 -19.31 0.35
N ASP A 326 8.19 -18.77 1.20
CA ASP A 326 9.26 -17.88 0.73
C ASP A 326 10.16 -18.54 -0.31
N VAL A 327 10.54 -19.80 -0.04
CA VAL A 327 11.31 -20.61 -0.98
C VAL A 327 10.56 -20.81 -2.28
N LEU A 328 9.28 -21.22 -2.20
CA LEU A 328 8.47 -21.53 -3.40
C LEU A 328 8.21 -20.31 -4.27
N ASN A 329 8.12 -19.15 -3.63
CA ASN A 329 7.99 -17.87 -4.32
C ASN A 329 9.31 -17.39 -4.96
N ALA A 330 10.42 -17.67 -4.29
CA ALA A 330 11.76 -17.43 -4.85
C ALA A 330 12.00 -18.34 -6.05
N LEU A 331 11.42 -19.53 -5.99
CA LEU A 331 11.70 -20.51 -7.01
C LEU A 331 10.93 -20.22 -8.30
N LYS A 332 9.65 -19.88 -8.16
CA LYS A 332 8.78 -19.58 -9.29
C LYS A 332 9.04 -20.45 -10.51
N CYS A 333 9.06 -21.77 -10.31
CA CYS A 333 9.38 -22.72 -11.38
C CYS A 333 8.26 -23.77 -11.50
N GLU A 334 8.48 -24.80 -12.33
CA GLU A 334 7.44 -25.82 -12.58
C GLU A 334 7.30 -26.83 -11.45
N ASN A 335 8.42 -27.46 -11.10
CA ASN A 335 8.46 -28.46 -10.04
C ASN A 335 9.61 -28.19 -9.08
N VAL A 336 9.41 -28.55 -7.82
CA VAL A 336 10.44 -28.42 -6.79
C VAL A 336 10.79 -29.83 -6.31
N ARG A 337 12.03 -29.99 -5.86
CA ARG A 337 12.47 -31.22 -5.26
C ARG A 337 12.75 -30.92 -3.80
N MET A 338 12.18 -31.73 -2.91
CA MET A 338 12.46 -31.69 -1.48
CA MET A 338 12.58 -31.63 -1.52
C MET A 338 13.30 -32.91 -1.11
N MET A 339 14.50 -32.69 -0.58
CA MET A 339 15.40 -33.78 -0.24
C MET A 339 15.43 -33.92 1.28
N LEU A 340 14.77 -34.97 1.78
CA LEU A 340 14.60 -35.17 3.23
C LEU A 340 15.59 -36.22 3.74
N THR A 341 15.90 -36.15 5.04
CA THR A 341 16.74 -37.13 5.71
C THR A 341 15.93 -37.93 6.73
N ASP A 342 15.35 -37.24 7.70
CA ASP A 342 14.47 -37.87 8.69
C ASP A 342 13.55 -36.82 9.33
N SER A 343 12.78 -37.23 10.33
CA SER A 343 11.79 -36.36 10.96
C SER A 343 12.38 -35.25 11.81
N VAL A 344 13.66 -35.35 12.18
CA VAL A 344 14.28 -34.33 13.04
C VAL A 344 15.28 -33.46 12.30
N SER A 345 15.51 -33.73 11.02
CA SER A 345 16.55 -33.03 10.28
C SER A 345 16.00 -32.02 9.26
N SER A 346 16.86 -31.04 8.94
CA SER A 346 16.52 -30.02 7.95
C SER A 346 16.32 -30.62 6.59
N VAL A 347 15.68 -29.86 5.70
CA VAL A 347 15.39 -30.31 4.37
C VAL A 347 15.97 -29.34 3.36
N GLN A 348 16.35 -29.90 2.22
CA GLN A 348 16.92 -29.12 1.14
C GLN A 348 15.92 -29.06 0.03
N ILE A 349 15.66 -27.85 -0.45
CA ILE A 349 14.66 -27.66 -1.49
C ILE A 349 15.36 -27.01 -2.66
N GLU A 350 15.06 -27.49 -3.86
CA GLU A 350 15.53 -26.83 -5.07
C GLU A 350 14.52 -26.94 -6.19
N ASP A 351 14.71 -26.08 -7.18
CA ASP A 351 14.06 -26.25 -8.47
C ASP A 351 14.44 -27.64 -8.95
N ALA A 352 13.44 -28.45 -9.28
CA ALA A 352 13.69 -29.81 -9.76
C ALA A 352 14.53 -29.86 -11.05
N ALA A 353 14.54 -28.76 -11.81
CA ALA A 353 15.33 -28.66 -13.04
C ALA A 353 16.46 -27.61 -12.96
N SER A 354 16.97 -27.34 -11.76
CA SER A 354 18.17 -26.50 -11.62
C SER A 354 18.84 -26.64 -10.26
N GLN A 355 20.17 -26.63 -10.26
CA GLN A 355 20.94 -26.58 -9.01
C GLN A 355 21.50 -25.17 -8.73
N SER A 356 21.19 -24.21 -9.60
CA SER A 356 21.60 -22.82 -9.41
C SER A 356 21.36 -22.35 -7.97
N ALA A 357 20.20 -22.68 -7.43
CA ALA A 357 19.84 -22.25 -6.07
C ALA A 357 19.42 -23.42 -5.18
N ALA A 358 19.69 -23.29 -3.88
CA ALA A 358 19.32 -24.33 -2.92
C ALA A 358 18.86 -23.69 -1.63
N TYR A 359 17.87 -24.30 -0.99
CA TYR A 359 17.31 -23.77 0.23
C TYR A 359 17.33 -24.84 1.28
N VAL A 360 17.66 -24.44 2.51
CA VAL A 360 17.67 -25.37 3.61
C VAL A 360 16.74 -24.79 4.67
N VAL A 361 15.82 -25.61 5.14
CA VAL A 361 14.83 -25.18 6.12
C VAL A 361 14.78 -26.19 7.24
N MET A 362 14.89 -25.69 8.47
CA MET A 362 14.80 -26.54 9.65
C MET A 362 13.38 -27.02 9.83
N PRO A 363 13.22 -28.21 10.43
CA PRO A 363 11.87 -28.68 10.72
C PRO A 363 11.29 -27.92 11.89
N MET A 364 9.96 -27.87 11.94
CA MET A 364 9.24 -27.26 13.03
C MET A 364 8.47 -28.38 13.73
N ARG A 365 8.59 -28.44 15.06
CA ARG A 365 7.83 -29.36 15.89
C ARG A 365 6.39 -28.87 16.08
N LEU A 366 5.43 -29.74 15.79
CA LEU A 366 4.00 -29.41 15.97
C LEU A 366 3.33 -30.47 16.84
N MET B 1 -27.74 -28.56 7.47
CA MET B 1 -27.34 -27.53 6.48
C MET B 1 -26.26 -28.05 5.57
N LYS B 2 -26.56 -28.01 4.28
CA LYS B 2 -25.67 -28.49 3.25
C LYS B 2 -25.84 -27.67 1.99
N PHE B 3 -24.72 -27.31 1.38
CA PHE B 3 -24.72 -26.69 0.06
C PHE B 3 -23.39 -26.99 -0.63
N THR B 4 -23.43 -26.94 -1.96
CA THR B 4 -22.22 -26.93 -2.76
C THR B 4 -22.30 -25.77 -3.76
N VAL B 5 -21.34 -24.86 -3.70
CA VAL B 5 -21.32 -23.67 -4.57
C VAL B 5 -19.94 -23.53 -5.24
N GLU B 6 -19.95 -23.13 -6.51
CA GLU B 6 -18.75 -22.79 -7.21
C GLU B 6 -18.05 -21.58 -6.58
N ARG B 7 -16.74 -21.72 -6.38
CA ARG B 7 -15.91 -20.72 -5.73
C ARG B 7 -16.33 -19.25 -5.97
N GLU B 8 -16.48 -18.88 -7.25
CA GLU B 8 -16.62 -17.48 -7.63
C GLU B 8 -18.02 -16.94 -7.38
N HIS B 9 -19.02 -17.80 -7.20
CA HIS B 9 -20.35 -17.32 -6.76
C HIS B 9 -20.34 -17.02 -5.26
N LEU B 10 -19.38 -17.60 -4.54
CA LEU B 10 -19.21 -17.34 -3.09
C LEU B 10 -18.31 -16.16 -2.73
N LEU B 11 -17.29 -15.91 -3.53
CA LEU B 11 -16.21 -15.00 -3.15
C LEU B 11 -16.68 -13.57 -2.89
N LYS B 12 -17.26 -12.95 -3.93
CA LYS B 12 -17.72 -11.55 -3.85
C LYS B 12 -18.72 -11.35 -2.71
N PRO B 13 -19.74 -12.23 -2.63
CA PRO B 13 -20.57 -12.15 -1.44
C PRO B 13 -19.81 -12.27 -0.12
N LEU B 14 -18.86 -13.19 -0.02
CA LEU B 14 -18.10 -13.33 1.23
C LEU B 14 -17.32 -12.08 1.58
N GLN B 15 -16.79 -11.40 0.57
CA GLN B 15 -16.07 -10.16 0.80
C GLN B 15 -17.01 -9.03 1.25
N GLN B 16 -18.17 -8.92 0.61
CA GLN B 16 -19.13 -7.87 0.99
C GLN B 16 -19.59 -8.01 2.45
N VAL B 17 -19.94 -9.21 2.88
CA VAL B 17 -20.48 -9.40 4.23
C VAL B 17 -19.38 -9.42 5.28
N SER B 18 -18.13 -9.51 4.85
CA SER B 18 -17.01 -9.38 5.77
C SER B 18 -16.70 -7.92 6.06
N GLY B 19 -17.22 -7.01 5.23
CA GLY B 19 -16.93 -5.59 5.34
C GLY B 19 -17.22 -4.90 6.68
N PRO B 20 -18.37 -5.23 7.35
CA PRO B 20 -18.63 -4.66 8.69
C PRO B 20 -17.66 -5.13 9.78
N LEU B 21 -17.00 -6.27 9.57
CA LEU B 21 -16.11 -6.85 10.59
C LEU B 21 -14.80 -6.09 10.66
N GLY B 23 -9.70 -6.96 11.12
CA GLY B 23 -9.71 -6.17 12.34
C GLY B 23 -9.59 -7.03 13.59
N ARG B 24 -10.37 -6.68 14.61
CA ARG B 24 -10.29 -7.34 15.92
C ARG B 24 -11.67 -7.45 16.55
N PRO B 25 -12.37 -8.59 16.37
CA PRO B 25 -13.71 -8.72 16.96
C PRO B 25 -13.65 -8.75 18.48
N THR B 26 -14.39 -7.85 19.14
CA THR B 26 -14.42 -7.84 20.60
C THR B 26 -14.91 -9.18 21.13
N LEU B 27 -15.92 -9.77 20.48
CA LEU B 27 -16.41 -11.10 20.87
C LEU B 27 -16.49 -12.06 19.70
N PRO B 28 -16.28 -13.38 19.95
CA PRO B 28 -16.16 -14.36 18.87
C PRO B 28 -17.28 -14.34 17.83
N ILE B 29 -18.53 -14.24 18.25
CA ILE B 29 -19.62 -14.31 17.28
C ILE B 29 -19.58 -13.14 16.29
N LEU B 30 -18.99 -12.01 16.69
CA LEU B 30 -18.92 -10.84 15.81
C LEU B 30 -17.92 -11.03 14.67
N GLY B 31 -16.99 -11.97 14.84
CA GLY B 31 -16.09 -12.36 13.77
C GLY B 31 -16.65 -13.45 12.87
N ASN B 32 -17.90 -13.84 13.08
CA ASN B 32 -18.52 -14.92 12.32
C ASN B 32 -19.51 -14.35 11.32
N LEU B 33 -19.79 -15.16 10.29
CA LEU B 33 -20.88 -14.89 9.35
C LEU B 33 -22.00 -15.85 9.66
N LEU B 34 -23.23 -15.40 9.46
CA LEU B 34 -24.39 -16.25 9.61
C LEU B 34 -24.68 -16.85 8.24
N LEU B 35 -24.71 -18.17 8.14
CA LEU B 35 -25.03 -18.89 6.91
C LEU B 35 -26.38 -19.55 7.11
N GLN B 36 -27.29 -19.36 6.16
CA GLN B 36 -28.65 -19.93 6.20
C GLN B 36 -29.01 -20.43 4.84
N VAL B 37 -29.44 -21.69 4.78
CA VAL B 37 -29.97 -22.28 3.56
C VAL B 37 -31.47 -22.37 3.78
N ALA B 38 -32.24 -21.74 2.89
CA ALA B 38 -33.69 -21.73 2.99
C ALA B 38 -34.30 -21.39 1.65
N ASP B 39 -35.45 -22.05 1.37
CA ASP B 39 -36.13 -22.00 0.07
C ASP B 39 -35.17 -21.68 -1.06
N GLY B 40 -34.17 -22.54 -1.21
CA GLY B 40 -33.25 -22.53 -2.35
C GLY B 40 -32.15 -21.48 -2.36
N THR B 41 -31.88 -20.88 -1.21
CA THR B 41 -31.02 -19.72 -1.13
C THR B 41 -30.12 -19.79 0.09
N LEU B 42 -28.85 -19.47 -0.15
CA LEU B 42 -27.88 -19.28 0.91
C LEU B 42 -27.79 -17.81 1.16
N SER B 43 -28.12 -17.41 2.38
CA SER B 43 -27.92 -16.06 2.83
C SER B 43 -26.66 -16.01 3.67
N LEU B 44 -25.86 -14.96 3.49
CA LEU B 44 -24.68 -14.72 4.29
C LEU B 44 -24.84 -13.36 4.93
N THR B 45 -24.58 -13.26 6.23
CA THR B 45 -24.78 -12.02 6.95
C THR B 45 -23.61 -11.74 7.86
N GLY B 46 -23.05 -10.53 7.72
CA GLY B 46 -22.05 -10.01 8.63
C GLY B 46 -22.51 -8.76 9.31
N THR B 47 -22.18 -8.63 10.60
CA THR B 47 -22.62 -7.49 11.40
C THR B 47 -21.55 -7.04 12.37
N ASP B 48 -21.59 -5.74 12.70
CA ASP B 48 -20.79 -5.20 13.79
C ASP B 48 -21.67 -4.63 14.87
N LEU B 49 -22.94 -5.03 14.85
CA LEU B 49 -23.98 -4.52 15.76
C LEU B 49 -24.56 -3.16 15.35
N GLU B 50 -23.78 -2.33 14.66
CA GLU B 50 -24.27 -1.07 14.10
C GLU B 50 -24.88 -1.25 12.71
N MET B 51 -24.27 -2.11 11.91
CA MET B 51 -24.78 -2.40 10.57
C MET B 51 -24.68 -3.87 10.19
N GLU B 52 -25.48 -4.24 9.18
CA GLU B 52 -25.54 -5.58 8.63
C GLU B 52 -25.39 -5.54 7.13
N MET B 53 -24.62 -6.46 6.58
CA MET B 53 -24.59 -6.66 5.12
C MET B 53 -25.08 -8.05 4.84
N VAL B 54 -26.09 -8.16 3.99
CA VAL B 54 -26.72 -9.45 3.69
C VAL B 54 -26.55 -9.74 2.20
N ALA B 55 -26.01 -10.93 1.90
CA ALA B 55 -25.87 -11.38 0.53
C ALA B 55 -26.72 -12.61 0.31
N ARG B 56 -27.32 -12.72 -0.88
CA ARG B 56 -28.10 -13.88 -1.23
C ARG B 56 -27.46 -14.52 -2.44
N VAL B 57 -27.21 -15.81 -2.33
CA VAL B 57 -26.68 -16.57 -3.43
C VAL B 57 -27.68 -17.67 -3.74
N ALA B 58 -28.08 -17.71 -5.00
CA ALA B 58 -28.96 -18.77 -5.49
C ALA B 58 -28.17 -20.06 -5.46
N LEU B 59 -28.87 -21.16 -5.18
CA LEU B 59 -28.25 -22.49 -5.17
C LEU B 59 -28.83 -23.38 -6.27
N VAL B 60 -27.99 -23.70 -7.25
CA VAL B 60 -28.39 -24.54 -8.37
C VAL B 60 -27.98 -25.99 -8.15
N GLN B 61 -27.19 -26.28 -7.11
CA GLN B 61 -26.82 -27.67 -6.81
C GLN B 61 -27.58 -28.15 -5.57
N PRO B 62 -27.65 -29.47 -5.36
CA PRO B 62 -28.33 -30.01 -4.18
C PRO B 62 -27.92 -29.33 -2.87
N HIS B 63 -28.90 -29.13 -1.98
CA HIS B 63 -28.71 -28.40 -0.73
C HIS B 63 -29.77 -28.87 0.27
N GLU B 64 -29.52 -28.57 1.54
CA GLU B 64 -30.53 -28.76 2.57
C GLU B 64 -30.51 -27.63 3.58
N PRO B 65 -31.69 -27.33 4.14
CA PRO B 65 -31.77 -26.15 4.96
C PRO B 65 -31.07 -26.31 6.30
N GLY B 66 -30.85 -25.17 6.93
CA GLY B 66 -30.28 -25.09 8.26
C GLY B 66 -29.45 -23.85 8.32
N ALA B 67 -28.92 -23.56 9.51
CA ALA B 67 -28.21 -22.32 9.72
C ALA B 67 -27.16 -22.51 10.78
N THR B 68 -26.04 -21.83 10.59
CA THR B 68 -24.93 -21.88 11.52
C THR B 68 -24.11 -20.60 11.34
N THR B 69 -23.14 -20.37 12.21
CA THR B 69 -22.23 -19.25 12.05
C THR B 69 -20.82 -19.79 12.09
N VAL B 70 -19.93 -19.23 11.27
CA VAL B 70 -18.54 -19.67 11.21
C VAL B 70 -17.62 -18.46 11.01
N PRO B 71 -16.32 -18.63 11.27
CA PRO B 71 -15.47 -17.45 11.20
C PRO B 71 -15.37 -16.87 9.80
N ALA B 72 -15.66 -15.59 9.69
CA ALA B 72 -15.76 -14.92 8.41
C ALA B 72 -14.46 -14.93 7.60
N ARG B 73 -13.37 -14.55 8.23
CA ARG B 73 -12.10 -14.38 7.53
C ARG B 73 -11.49 -15.73 7.16
N LYS B 74 -11.60 -16.69 8.07
CA LYS B 74 -11.11 -18.05 7.80
C LYS B 74 -11.85 -18.65 6.61
N PHE B 75 -13.18 -18.52 6.61
CA PHE B 75 -13.98 -19.06 5.51
C PHE B 75 -13.72 -18.33 4.19
N PHE B 76 -13.55 -17.00 4.27
CA PHE B 76 -13.26 -16.23 3.06
C PHE B 76 -11.92 -16.65 2.48
N ASP B 77 -10.91 -16.67 3.34
CA ASP B 77 -9.55 -17.03 2.92
C ASP B 77 -9.47 -18.44 2.36
N ILE B 78 -10.25 -19.38 2.90
CA ILE B 78 -10.32 -20.72 2.33
C ILE B 78 -10.92 -20.69 0.92
N CYS B 79 -12.02 -19.96 0.74
CA CYS B 79 -12.69 -19.98 -0.56
C CYS B 79 -11.82 -19.25 -1.58
N ARG B 80 -11.24 -18.13 -1.19
CA ARG B 80 -10.29 -17.38 -2.02
C ARG B 80 -9.09 -18.24 -2.47
N GLY B 81 -8.53 -19.02 -1.55
CA GLY B 81 -7.32 -19.78 -1.79
C GLY B 81 -7.51 -21.08 -2.56
N LEU B 82 -8.75 -21.55 -2.62
CA LEU B 82 -9.09 -22.69 -3.46
C LEU B 82 -8.90 -22.28 -4.93
N PRO B 83 -8.62 -23.27 -5.79
CA PRO B 83 -8.31 -22.96 -7.19
C PRO B 83 -9.54 -22.47 -7.97
N GLU B 84 -9.28 -21.72 -9.02
CA GLU B 84 -10.35 -21.21 -9.88
C GLU B 84 -11.34 -22.29 -10.28
N GLY B 85 -12.63 -21.98 -10.19
CA GLY B 85 -13.69 -22.92 -10.51
C GLY B 85 -13.90 -24.08 -9.53
N ALA B 86 -13.25 -24.07 -8.37
CA ALA B 86 -13.45 -25.12 -7.38
C ALA B 86 -14.92 -25.21 -6.96
N GLU B 87 -15.44 -26.44 -6.84
CA GLU B 87 -16.70 -26.68 -6.15
C GLU B 87 -16.47 -26.69 -4.63
N ILE B 88 -17.20 -25.83 -3.92
CA ILE B 88 -17.07 -25.74 -2.47
C ILE B 88 -18.28 -26.36 -1.75
N ALA B 89 -18.06 -27.57 -1.25
CA ALA B 89 -19.09 -28.38 -0.60
C ALA B 89 -19.00 -28.18 0.90
N VAL B 90 -20.13 -27.79 1.46
CA VAL B 90 -20.21 -27.38 2.86
C VAL B 90 -21.32 -28.15 3.56
N GLN B 91 -21.01 -28.62 4.75
CA GLN B 91 -21.97 -29.32 5.57
C GLN B 91 -21.75 -29.02 7.06
N LEU B 92 -22.81 -28.60 7.73
CA LEU B 92 -22.81 -28.45 9.17
C LEU B 92 -22.77 -29.81 9.84
N GLU B 93 -21.85 -30.01 10.78
CA GLU B 93 -21.71 -31.27 11.52
C GLU B 93 -21.56 -30.98 13.01
N GLY B 94 -22.62 -30.44 13.62
CA GLY B 94 -22.61 -30.11 15.04
C GLY B 94 -21.71 -28.94 15.39
N GLU B 95 -20.64 -29.22 16.11
CA GLU B 95 -19.74 -28.17 16.57
C GLU B 95 -18.73 -27.75 15.50
N ARG B 96 -18.71 -28.47 14.38
CA ARG B 96 -17.85 -28.12 13.24
CA ARG B 96 -17.84 -28.14 13.24
C ARG B 96 -18.67 -27.99 11.96
N MET B 97 -18.17 -27.18 11.04
CA MET B 97 -18.70 -27.07 9.67
C MET B 97 -17.58 -27.59 8.80
N LEU B 98 -17.86 -28.69 8.11
CA LEU B 98 -16.93 -29.31 7.20
C LEU B 98 -17.02 -28.66 5.83
N VAL B 99 -15.88 -28.20 5.33
CA VAL B 99 -15.75 -27.66 3.99
C VAL B 99 -14.82 -28.55 3.19
N ARG B 100 -15.28 -28.98 2.01
CA ARG B 100 -14.52 -29.89 1.17
C ARG B 100 -14.52 -29.34 -0.25
N SER B 101 -13.36 -29.49 -0.90
CA SER B 101 -13.20 -29.12 -2.31
C SER B 101 -12.00 -29.89 -2.81
N GLY B 102 -12.17 -30.65 -3.88
CA GLY B 102 -11.12 -31.53 -4.34
C GLY B 102 -10.66 -32.45 -3.21
N ARG B 103 -9.36 -32.47 -2.93
CA ARG B 103 -8.86 -33.20 -1.76
C ARG B 103 -8.35 -32.24 -0.69
N SER B 104 -9.02 -31.09 -0.61
CA SER B 104 -8.82 -30.14 0.47
C SER B 104 -9.96 -30.27 1.45
N ARG B 105 -9.66 -30.27 2.75
CA ARG B 105 -10.69 -30.40 3.78
C ARG B 105 -10.43 -29.41 4.88
N PHE B 106 -11.49 -28.77 5.33
CA PHE B 106 -11.41 -27.76 6.35
C PHE B 106 -12.55 -27.94 7.33
N SER B 107 -12.20 -27.92 8.61
CA SER B 107 -13.12 -28.05 9.71
C SER B 107 -13.11 -26.73 10.48
N LEU B 108 -14.24 -26.01 10.42
CA LEU B 108 -14.40 -24.73 11.07
C LEU B 108 -15.31 -24.87 12.26
N SER B 109 -14.95 -24.22 13.36
CA SER B 109 -15.74 -24.28 14.59
C SER B 109 -16.97 -23.40 14.43
N THR B 110 -18.10 -23.88 14.91
CA THR B 110 -19.38 -23.21 14.71
C THR B 110 -19.82 -22.50 15.99
N LEU B 111 -20.62 -21.46 15.83
CA LEU B 111 -21.45 -20.95 16.93
C LEU B 111 -22.89 -20.88 16.45
N PRO B 112 -23.86 -21.11 17.37
CA PRO B 112 -25.27 -21.21 17.04
C PRO B 112 -25.82 -20.03 16.26
N ALA B 113 -26.56 -20.32 15.19
CA ALA B 113 -27.26 -19.31 14.42
C ALA B 113 -28.18 -18.48 15.32
N ALA B 114 -28.85 -19.16 16.26
CA ALA B 114 -29.73 -18.49 17.22
C ALA B 114 -29.02 -17.47 18.13
N ASP B 115 -27.70 -17.58 18.23
CA ASP B 115 -26.94 -16.59 18.98
C ASP B 115 -26.46 -15.44 18.10
N PHE B 116 -26.66 -15.51 16.78
CA PHE B 116 -26.18 -14.44 15.92
C PHE B 116 -27.01 -13.18 16.11
N PRO B 117 -26.34 -12.02 16.29
CA PRO B 117 -27.04 -10.75 16.49
C PRO B 117 -27.92 -10.36 15.32
N ASN B 118 -29.02 -9.72 15.64
CA ASN B 118 -30.09 -9.47 14.70
C ASN B 118 -30.54 -8.03 14.81
N LEU B 119 -30.35 -7.23 13.75
CA LEU B 119 -30.89 -5.87 13.78
C LEU B 119 -32.41 -5.98 13.91
N ASP B 120 -32.98 -5.14 14.78
CA ASP B 120 -34.42 -5.11 15.01
C ASP B 120 -35.17 -4.75 13.75
N ASP B 121 -36.39 -5.26 13.60
CA ASP B 121 -37.24 -4.86 12.49
C ASP B 121 -37.58 -3.36 12.63
N TRP B 122 -37.78 -2.69 11.50
CA TRP B 122 -38.08 -1.25 11.48
C TRP B 122 -38.91 -0.94 10.25
N GLN B 123 -39.43 0.29 10.18
CA GLN B 123 -40.33 0.67 9.09
C GLN B 123 -39.72 1.74 8.17
N SER B 124 -39.87 1.53 6.87
CA SER B 124 -39.54 2.49 5.83
C SER B 124 -40.50 3.70 5.89
N GLU B 125 -39.95 4.90 5.72
CA GLU B 125 -40.74 6.17 5.70
C GLU B 125 -40.54 6.96 4.41
N VAL B 126 -39.34 6.89 3.85
CA VAL B 126 -39.08 7.42 2.52
C VAL B 126 -38.34 6.36 1.71
N GLU B 127 -38.72 6.27 0.43
CA GLU B 127 -38.13 5.36 -0.50
C GLU B 127 -37.93 6.01 -1.85
N PHE B 128 -36.80 5.68 -2.47
CA PHE B 128 -36.52 6.13 -3.81
C PHE B 128 -35.45 5.26 -4.44
N THR B 129 -35.37 5.32 -5.76
CA THR B 129 -34.35 4.64 -6.52
C THR B 129 -33.49 5.71 -7.18
N LEU B 130 -32.20 5.43 -7.33
CA LEU B 130 -31.32 6.30 -8.12
C LEU B 130 -30.17 5.51 -8.72
N PRO B 131 -29.49 6.09 -9.73
CA PRO B 131 -28.27 5.44 -10.21
C PRO B 131 -27.16 5.34 -9.16
N GLN B 132 -26.43 4.22 -9.20
CA GLN B 132 -25.25 4.04 -8.37
C GLN B 132 -24.24 5.16 -8.56
N ALA B 133 -24.07 5.60 -9.81
CA ALA B 133 -23.11 6.67 -10.12
C ALA B 133 -23.48 7.94 -9.39
N THR B 134 -24.78 8.19 -9.24
CA THR B 134 -25.23 9.30 -8.43
C THR B 134 -24.83 9.14 -6.96
N MET B 135 -25.07 7.96 -6.37
CA MET B 135 -24.70 7.74 -4.98
C MET B 135 -23.19 7.85 -4.78
N LYS B 136 -22.41 7.33 -5.72
CA LYS B 136 -20.95 7.45 -5.67
C LYS B 136 -20.52 8.93 -5.75
N ARG B 137 -21.07 9.63 -6.73
CA ARG B 137 -20.87 11.07 -6.86
C ARG B 137 -21.14 11.78 -5.51
N LEU B 138 -22.33 11.55 -4.95
CA LEU B 138 -22.70 12.17 -3.69
C LEU B 138 -21.69 11.92 -2.58
N ILE B 139 -21.20 10.69 -2.46
CA ILE B 139 -20.35 10.34 -1.34
C ILE B 139 -18.92 10.84 -1.51
N GLU B 140 -18.35 10.59 -2.68
CA GLU B 140 -16.97 10.98 -2.97
C GLU B 140 -16.83 12.51 -2.97
N ALA B 141 -17.91 13.22 -3.30
CA ALA B 141 -17.91 14.68 -3.25
C ALA B 141 -17.63 15.22 -1.85
N THR B 142 -18.08 14.52 -0.81
CA THR B 142 -18.10 15.08 0.55
C THR B 142 -17.39 14.28 1.62
N GLN B 143 -17.10 13.00 1.34
CA GLN B 143 -16.58 12.03 2.34
C GLN B 143 -15.36 12.54 3.07
N PHE B 144 -14.43 13.14 2.33
CA PHE B 144 -13.16 13.58 2.90
C PHE B 144 -13.33 14.60 4.03
N SER B 145 -14.43 15.34 4.01
CA SER B 145 -14.67 16.39 5.01
C SER B 145 -15.21 15.88 6.34
N MET B 146 -15.54 14.59 6.43
CA MET B 146 -16.03 14.02 7.69
C MET B 146 -14.99 14.09 8.81
N ALA B 147 -15.45 14.20 10.05
CA ALA B 147 -14.52 14.13 11.18
C ALA B 147 -13.99 12.70 11.34
N HIS B 148 -12.84 12.59 12.00
CA HIS B 148 -12.23 11.28 12.27
C HIS B 148 -12.02 11.12 13.79
N GLN B 149 -12.86 10.30 14.40
CA GLN B 149 -12.81 10.01 15.85
C GLN B 149 -12.94 11.26 16.75
N ASP B 150 -13.82 12.17 16.36
CA ASP B 150 -14.14 13.34 17.17
C ASP B 150 -15.10 12.92 18.28
N VAL B 151 -14.91 13.51 19.46
CA VAL B 151 -15.85 13.34 20.58
C VAL B 151 -17.26 13.81 20.20
N ARG B 152 -17.36 14.75 19.27
CA ARG B 152 -18.66 15.14 18.69
C ARG B 152 -19.06 14.08 17.66
N TYR B 153 -19.75 13.05 18.14
CA TYR B 153 -19.93 11.78 17.41
C TYR B 153 -20.58 11.94 16.04
N TYR B 154 -21.50 12.89 15.94
CA TYR B 154 -22.27 13.12 14.72
C TYR B 154 -21.41 13.61 13.54
N LEU B 155 -20.31 14.31 13.83
CA LEU B 155 -19.38 14.76 12.79
C LEU B 155 -18.58 13.60 12.15
N ASN B 156 -18.50 12.48 12.86
CA ASN B 156 -17.88 11.27 12.30
C ASN B 156 -18.78 10.58 11.27
N GLY B 157 -19.94 11.14 10.98
CA GLY B 157 -20.82 10.54 10.00
C GLY B 157 -20.97 11.42 8.78
N MET B 158 -21.99 11.10 7.99
CA MET B 158 -22.35 11.89 6.83
C MET B 158 -23.85 12.14 6.86
N LEU B 159 -24.23 13.39 6.66
CA LEU B 159 -25.63 13.76 6.63
C LEU B 159 -26.16 13.44 5.26
N PHE B 160 -27.30 12.75 5.24
CA PHE B 160 -28.05 12.46 4.03
C PHE B 160 -29.40 13.16 4.18
N GLU B 161 -29.81 13.86 3.13
CA GLU B 161 -30.89 14.82 3.22
C GLU B 161 -31.69 14.77 1.93
N THR B 162 -33.01 14.69 2.07
CA THR B 162 -33.92 14.68 0.93
C THR B 162 -34.70 16.00 0.88
N GLU B 163 -34.67 16.67 -0.27
CA GLU B 163 -35.41 17.93 -0.43
C GLU B 163 -35.89 18.10 -1.84
N GLY B 164 -37.20 18.26 -2.01
CA GLY B 164 -37.77 18.39 -3.33
C GLY B 164 -37.40 17.20 -4.16
N GLU B 165 -36.76 17.44 -5.31
CA GLU B 165 -36.31 16.39 -6.21
C GLU B 165 -34.86 15.98 -5.98
N GLU B 166 -34.28 16.35 -4.84
CA GLU B 166 -32.83 16.16 -4.64
C GLU B 166 -32.42 15.27 -3.49
N LEU B 167 -31.32 14.53 -3.71
CA LEU B 167 -30.61 13.86 -2.61
C LEU B 167 -29.29 14.59 -2.40
N ARG B 168 -28.99 14.86 -1.13
CA ARG B 168 -27.89 15.72 -0.75
C ARG B 168 -27.05 15.05 0.34
N THR B 169 -25.73 15.25 0.28
CA THR B 169 -24.84 14.86 1.37
C THR B 169 -24.09 16.04 1.96
N VAL B 170 -23.91 16.03 3.27
CA VAL B 170 -23.11 17.03 3.94
C VAL B 170 -22.14 16.33 4.87
N ALA B 171 -20.91 16.82 4.89
CA ALA B 171 -19.90 16.37 5.82
C ALA B 171 -19.10 17.59 6.29
N THR B 172 -18.74 17.60 7.56
CA THR B 172 -17.88 18.64 8.08
C THR B 172 -17.17 18.10 9.31
N ASP B 173 -16.01 18.70 9.60
CA ASP B 173 -15.22 18.31 10.76
C ASP B 173 -15.09 19.47 11.76
N GLY B 174 -15.76 20.58 11.46
CA GLY B 174 -15.63 21.80 12.25
C GLY B 174 -14.90 22.90 11.50
N HIS B 175 -13.86 22.52 10.76
CA HIS B 175 -12.97 23.48 10.08
C HIS B 175 -13.31 23.68 8.60
N ARG B 176 -13.89 22.67 7.98
CA ARG B 176 -14.23 22.72 6.57
C ARG B 176 -15.50 21.94 6.30
N LEU B 177 -16.19 22.32 5.24
CA LEU B 177 -17.46 21.70 4.92
C LEU B 177 -17.60 21.39 3.43
N ALA B 178 -18.20 20.24 3.17
CA ALA B 178 -18.55 19.84 1.84
C ALA B 178 -20.04 19.54 1.85
N VAL B 179 -20.73 20.00 0.82
CA VAL B 179 -22.13 19.69 0.62
C VAL B 179 -22.29 19.42 -0.86
N CYS B 180 -23.16 18.47 -1.21
CA CYS B 180 -23.38 18.12 -2.61
C CYS B 180 -24.82 17.65 -2.86
N SER B 181 -25.56 18.38 -3.69
CA SER B 181 -26.94 18.03 -4.01
C SER B 181 -26.99 17.52 -5.42
N MET B 182 -27.74 16.45 -5.62
CA MET B 182 -27.96 15.89 -6.94
C MET B 182 -29.45 15.55 -7.12
N PRO B 183 -30.01 15.85 -8.30
CA PRO B 183 -31.42 15.57 -8.59
C PRO B 183 -31.64 14.11 -9.00
N ILE B 184 -32.81 13.56 -8.72
CA ILE B 184 -33.10 12.14 -9.02
C ILE B 184 -34.46 11.87 -9.71
N GLY B 185 -35.09 12.88 -10.29
CA GLY B 185 -36.32 12.68 -11.08
C GLY B 185 -37.56 12.19 -10.37
N GLN B 186 -37.60 12.35 -9.05
CA GLN B 186 -38.77 12.00 -8.23
C GLN B 186 -38.93 13.11 -7.21
N SER B 187 -40.17 13.49 -6.93
CA SER B 187 -40.43 14.38 -5.80
C SER B 187 -40.30 13.56 -4.53
N LEU B 188 -39.79 14.19 -3.46
CA LEU B 188 -39.52 13.49 -2.20
C LEU B 188 -39.83 14.30 -0.95
N PRO B 189 -40.12 13.60 0.16
CA PRO B 189 -40.29 14.28 1.44
C PRO B 189 -38.95 14.64 2.05
N SER B 190 -38.99 15.36 3.17
CA SER B 190 -37.79 15.90 3.79
C SER B 190 -37.36 15.13 5.01
N HIS B 191 -36.36 14.28 4.82
CA HIS B 191 -35.72 13.64 5.94
C HIS B 191 -34.29 14.11 5.97
N SER B 192 -33.71 14.11 7.14
CA SER B 192 -32.34 14.52 7.32
C SER B 192 -31.74 13.54 8.31
N VAL B 193 -30.88 12.64 7.80
CA VAL B 193 -30.33 11.55 8.60
C VAL B 193 -28.81 11.50 8.57
N ILE B 194 -28.23 11.03 9.67
CA ILE B 194 -26.79 10.86 9.79
C ILE B 194 -26.40 9.40 9.66
N VAL B 195 -25.64 9.11 8.64
CA VAL B 195 -25.09 7.78 8.42
C VAL B 195 -23.68 7.71 9.07
N PRO B 196 -23.42 6.63 9.83
CA PRO B 196 -22.13 6.51 10.53
C PRO B 196 -20.96 6.25 9.55
N ARG B 197 -19.76 6.72 9.89
CA ARG B 197 -18.62 6.67 8.96
C ARG B 197 -18.50 5.32 8.28
N LYS B 198 -18.70 4.27 9.07
CA LYS B 198 -18.48 2.93 8.62
C LYS B 198 -19.58 2.48 7.66
N GLY B 199 -20.77 3.04 7.82
CA GLY B 199 -21.87 2.83 6.89
C GLY B 199 -21.67 3.50 5.55
N VAL B 200 -21.04 4.67 5.55
CA VAL B 200 -20.75 5.37 4.31
C VAL B 200 -19.72 4.60 3.51
N ILE B 201 -18.77 4.00 4.21
CA ILE B 201 -17.77 3.13 3.60
C ILE B 201 -18.45 1.90 2.99
N GLU B 202 -19.32 1.24 3.75
CA GLU B 202 -20.09 0.09 3.21
C GLU B 202 -20.95 0.44 2.01
N LEU B 203 -21.64 1.58 2.09
CA LEU B 203 -22.44 2.04 0.96
C LEU B 203 -21.60 2.13 -0.29
N MET B 204 -20.47 2.82 -0.17
CA MET B 204 -19.54 2.93 -1.28
C MET B 204 -19.04 1.57 -1.75
N ARG B 205 -18.72 0.71 -0.78
CA ARG B 205 -18.17 -0.62 -1.05
C ARG B 205 -19.11 -1.46 -1.91
N MET B 206 -20.41 -1.27 -1.75
CA MET B 206 -21.41 -2.08 -2.46
C MET B 206 -21.82 -1.57 -3.85
N LEU B 207 -21.21 -0.49 -4.30
CA LEU B 207 -21.46 0.02 -5.65
C LEU B 207 -20.45 -0.62 -6.60
N ASP B 208 -20.94 -1.43 -7.54
CA ASP B 208 -20.05 -2.19 -8.42
C ASP B 208 -19.67 -1.45 -9.70
N GLY B 209 -20.41 -0.39 -10.02
CA GLY B 209 -20.15 0.40 -11.22
C GLY B 209 -20.91 -0.09 -12.44
N GLY B 210 -21.86 -1.00 -12.22
CA GLY B 210 -22.76 -1.48 -13.26
C GLY B 210 -24.02 -0.64 -13.32
N ASP B 211 -25.07 -1.18 -13.92
CA ASP B 211 -26.33 -0.46 -14.16
C ASP B 211 -27.49 -0.94 -13.27
N ASN B 212 -27.20 -1.81 -12.30
CA ASN B 212 -28.15 -2.09 -11.24
C ASN B 212 -28.36 -0.81 -10.45
N PRO B 213 -29.59 -0.30 -10.38
CA PRO B 213 -29.77 0.90 -9.60
C PRO B 213 -29.80 0.58 -8.12
N LEU B 214 -29.67 1.63 -7.34
CA LEU B 214 -29.71 1.56 -5.90
C LEU B 214 -31.14 1.87 -5.45
N ARG B 215 -31.74 0.98 -4.67
CA ARG B 215 -32.96 1.31 -3.94
C ARG B 215 -32.60 1.67 -2.53
N VAL B 216 -33.07 2.83 -2.11
CA VAL B 216 -32.81 3.32 -0.78
C VAL B 216 -34.10 3.35 0.02
N GLN B 217 -34.02 2.95 1.29
CA GLN B 217 -35.14 3.09 2.21
C GLN B 217 -34.62 3.73 3.49
N ILE B 218 -35.36 4.71 4.02
CA ILE B 218 -34.96 5.40 5.21
C ILE B 218 -36.11 5.39 6.23
N GLY B 219 -35.74 5.11 7.47
CA GLY B 219 -36.69 5.17 8.59
C GLY B 219 -36.23 6.21 9.57
N SER B 220 -36.87 6.24 10.73
CA SER B 220 -36.51 7.21 11.76
C SER B 220 -35.11 6.94 12.29
N ASN B 221 -34.72 5.67 12.29
CA ASN B 221 -33.51 5.22 12.97
C ASN B 221 -32.67 4.26 12.16
N ASN B 222 -33.06 4.02 10.89
CA ASN B 222 -32.31 3.12 10.01
C ASN B 222 -32.28 3.61 8.58
N ILE B 223 -31.31 3.09 7.84
CA ILE B 223 -31.25 3.29 6.39
C ILE B 223 -30.92 1.94 5.74
N ARG B 224 -31.51 1.67 4.60
CA ARG B 224 -31.26 0.42 3.89
C ARG B 224 -31.01 0.73 2.43
N ALA B 225 -30.01 0.06 1.87
CA ALA B 225 -29.73 0.10 0.46
C ALA B 225 -29.70 -1.31 -0.14
N HIS B 226 -30.44 -1.49 -1.23
CA HIS B 226 -30.49 -2.72 -2.04
C HIS B 226 -29.77 -2.49 -3.36
N VAL B 227 -28.66 -3.18 -3.59
CA VAL B 227 -28.10 -3.27 -4.94
C VAL B 227 -27.94 -4.72 -5.30
N GLY B 228 -28.48 -5.12 -6.45
CA GLY B 228 -28.41 -6.49 -6.88
C GLY B 228 -28.86 -7.42 -5.77
N ASP B 229 -27.98 -8.34 -5.38
CA ASP B 229 -28.31 -9.34 -4.38
C ASP B 229 -27.75 -9.04 -3.01
N PHE B 230 -27.41 -7.78 -2.77
CA PHE B 230 -26.90 -7.33 -1.48
C PHE B 230 -27.88 -6.35 -0.86
N ILE B 231 -28.08 -6.49 0.45
CA ILE B 231 -28.92 -5.59 1.18
C ILE B 231 -28.09 -5.13 2.36
N PHE B 232 -27.82 -3.84 2.39
CA PHE B 232 -27.08 -3.23 3.46
C PHE B 232 -28.02 -2.44 4.34
N THR B 233 -27.91 -2.63 5.65
CA THR B 233 -28.76 -1.93 6.58
C THR B 233 -27.90 -1.36 7.70
N SER B 234 -28.08 -0.08 7.99
CA SER B 234 -27.33 0.58 9.05
C SER B 234 -28.25 1.30 10.03
N LYS B 235 -27.90 1.24 11.31
CA LYS B 235 -28.53 2.09 12.28
C LYS B 235 -28.10 3.53 11.99
N LEU B 236 -28.99 4.49 12.25
CA LEU B 236 -28.66 5.90 11.99
C LEU B 236 -28.06 6.53 13.25
N VAL B 237 -27.23 7.55 13.09
CA VAL B 237 -26.58 8.20 14.24
C VAL B 237 -27.49 9.25 14.85
N ASP B 238 -27.70 9.14 16.16
CA ASP B 238 -28.58 10.04 16.91
C ASP B 238 -27.82 11.31 17.22
N GLY B 239 -28.26 12.43 16.64
CA GLY B 239 -27.64 13.72 16.95
C GLY B 239 -28.13 14.83 16.05
N ARG B 240 -27.52 16.00 16.16
CA ARG B 240 -27.81 17.11 15.24
C ARG B 240 -26.56 17.47 14.47
N PHE B 241 -26.60 17.20 13.18
CA PHE B 241 -25.56 17.63 12.27
C PHE B 241 -25.76 19.13 12.07
N PRO B 242 -24.67 19.90 11.99
CA PRO B 242 -24.85 21.34 11.77
C PRO B 242 -25.55 21.66 10.46
N ASP B 243 -25.94 22.92 10.30
CA ASP B 243 -26.73 23.36 9.16
C ASP B 243 -25.83 24.01 8.11
N TYR B 244 -25.78 23.45 6.90
CA TYR B 244 -24.89 23.95 5.82
C TYR B 244 -25.25 25.35 5.34
N ARG B 245 -26.54 25.60 5.15
CA ARG B 245 -27.04 26.94 4.82
CA ARG B 245 -27.04 26.94 4.80
C ARG B 245 -26.56 27.95 5.84
N ARG B 246 -26.44 27.52 7.10
CA ARG B 246 -25.97 28.38 8.17
C ARG B 246 -24.51 28.78 8.09
N VAL B 247 -23.69 28.04 7.33
CA VAL B 247 -22.24 28.28 7.30
C VAL B 247 -21.65 28.66 5.94
N LEU B 248 -22.42 28.52 4.86
CA LEU B 248 -22.00 29.08 3.57
C LEU B 248 -21.78 30.60 3.75
N PRO B 249 -20.81 31.19 3.02
CA PRO B 249 -20.60 32.66 3.01
C PRO B 249 -21.79 33.50 2.52
N LYS B 250 -22.13 34.57 3.25
CA LYS B 250 -23.24 35.48 2.89
C LYS B 250 -23.13 36.11 1.50
N ASN B 251 -22.18 37.02 1.33
CA ASN B 251 -21.96 37.69 0.04
C ASN B 251 -20.50 37.63 -0.40
N PRO B 252 -20.10 36.53 -1.04
CA PRO B 252 -18.76 36.41 -1.62
C PRO B 252 -18.82 36.75 -3.12
N ASP B 253 -18.96 38.04 -3.45
CA ASP B 253 -19.09 38.45 -4.85
CA ASP B 253 -19.10 38.49 -4.84
C ASP B 253 -17.73 38.71 -5.51
N LYS B 254 -16.65 38.52 -4.75
CA LYS B 254 -15.28 38.53 -5.30
C LYS B 254 -14.98 37.13 -5.86
N HIS B 255 -15.05 36.97 -7.17
CA HIS B 255 -14.94 35.65 -7.80
C HIS B 255 -13.63 35.48 -8.54
N LEU B 256 -12.87 34.46 -8.17
CA LEU B 256 -11.70 34.04 -8.93
C LEU B 256 -12.03 32.73 -9.66
N GLU B 257 -11.76 32.70 -10.97
CA GLU B 257 -11.87 31.47 -11.75
C GLU B 257 -10.50 31.07 -12.33
N ALA B 258 -10.15 29.79 -12.16
CA ALA B 258 -8.87 29.27 -12.62
C ALA B 258 -8.92 27.75 -12.87
N GLY B 259 -7.96 27.28 -13.66
CA GLY B 259 -7.83 25.86 -13.94
C GLY B 259 -7.68 25.07 -12.67
N CYS B 260 -8.51 24.03 -12.52
CA CYS B 260 -8.42 23.19 -11.32
C CYS B 260 -7.00 22.62 -11.16
N ASP B 261 -6.44 22.08 -12.24
CA ASP B 261 -5.18 21.35 -12.12
C ASP B 261 -3.99 22.28 -11.97
N LEU B 262 -3.96 23.38 -12.71
CA LEU B 262 -2.92 24.40 -12.49
C LEU B 262 -2.91 24.82 -11.03
N LEU B 263 -4.10 25.06 -10.48
CA LEU B 263 -4.21 25.54 -9.10
C LEU B 263 -3.76 24.46 -8.13
N LYS B 264 -4.22 23.23 -8.35
CA LYS B 264 -3.86 22.08 -7.50
C LYS B 264 -2.34 21.91 -7.43
N GLN B 265 -1.70 21.92 -8.59
CA GLN B 265 -0.27 21.67 -8.66
C GLN B 265 0.56 22.78 -8.04
N ALA B 266 0.10 24.03 -8.14
CA ALA B 266 0.81 25.12 -7.50
C ALA B 266 0.63 25.02 -6.00
N PHE B 267 -0.57 24.67 -5.55
CA PHE B 267 -0.80 24.50 -4.11
C PHE B 267 0.04 23.34 -3.59
N ALA B 268 0.12 22.27 -4.38
CA ALA B 268 0.91 21.09 -4.05
C ALA B 268 2.39 21.42 -3.86
N ARG B 269 2.94 22.16 -4.83
CA ARG B 269 4.34 22.55 -4.81
C ARG B 269 4.64 23.49 -3.64
N ALA B 270 3.74 24.45 -3.40
CA ALA B 270 3.86 25.39 -2.29
C ALA B 270 3.83 24.69 -0.95
N ALA B 271 2.88 23.76 -0.78
CA ALA B 271 2.73 23.01 0.47
C ALA B 271 4.04 22.37 0.93
N ILE B 272 4.89 21.97 -0.03
CA ILE B 272 6.18 21.36 0.31
C ILE B 272 7.00 22.23 1.28
N LEU B 273 6.91 23.56 1.16
CA LEU B 273 7.62 24.45 2.07
C LEU B 273 6.68 25.17 3.05
N SER B 274 5.52 24.61 3.33
CA SER B 274 4.66 25.10 4.42
C SER B 274 5.10 24.49 5.74
N ASN B 275 4.63 25.07 6.84
CA ASN B 275 4.79 24.50 8.15
C ASN B 275 4.30 23.06 8.18
N GLU B 276 5.13 22.16 8.70
CA GLU B 276 4.87 20.71 8.64
C GLU B 276 3.60 20.27 9.39
N LYS B 277 3.23 21.06 10.39
CA LYS B 277 2.08 20.82 11.25
C LYS B 277 0.89 21.70 10.88
N PHE B 278 1.13 22.97 10.56
CA PHE B 278 0.04 23.92 10.39
C PHE B 278 -0.37 24.15 8.93
N ARG B 279 0.53 23.83 8.00
CA ARG B 279 0.19 23.72 6.59
C ARG B 279 -0.42 24.99 5.97
N GLY B 280 0.02 26.14 6.48
CA GLY B 280 -0.49 27.43 6.01
C GLY B 280 0.19 27.90 4.74
N VAL B 281 -0.62 28.48 3.85
CA VAL B 281 -0.12 29.20 2.68
C VAL B 281 -0.93 30.48 2.58
N ARG B 282 -0.42 31.47 1.86
CA ARG B 282 -1.10 32.74 1.66
CA ARG B 282 -1.19 32.69 1.65
C ARG B 282 -1.42 32.95 0.18
N LEU B 283 -2.60 33.47 -0.12
CA LEU B 283 -3.03 33.80 -1.49
C LEU B 283 -3.19 35.31 -1.66
N TYR B 284 -2.52 35.88 -2.65
CA TYR B 284 -2.69 37.29 -3.00
CA TYR B 284 -2.73 37.29 -2.99
C TYR B 284 -3.49 37.35 -4.29
N VAL B 285 -4.69 37.92 -4.25
CA VAL B 285 -5.46 38.03 -5.48
C VAL B 285 -5.36 39.45 -6.03
N SER B 286 -5.25 39.57 -7.35
CA SER B 286 -5.17 40.86 -8.03
C SER B 286 -5.72 40.68 -9.44
N GLU B 287 -5.73 41.76 -10.22
CA GLU B 287 -6.43 41.69 -11.51
C GLU B 287 -5.84 40.58 -12.36
N ASN B 288 -6.68 39.59 -12.63
CA ASN B 288 -6.34 38.42 -13.43
C ASN B 288 -5.09 37.65 -12.96
N GLN B 289 -4.72 37.76 -11.68
CA GLN B 289 -3.52 37.08 -11.20
C GLN B 289 -3.65 36.61 -9.75
N LEU B 290 -3.19 35.39 -9.50
CA LEU B 290 -3.10 34.83 -8.15
C LEU B 290 -1.65 34.52 -7.77
N LYS B 291 -1.23 34.93 -6.59
CA LYS B 291 0.10 34.56 -6.08
C LYS B 291 -0.04 33.74 -4.80
N ILE B 292 0.55 32.54 -4.80
CA ILE B 292 0.57 31.65 -3.63
C ILE B 292 1.97 31.59 -3.03
N THR B 293 2.07 31.84 -1.74
CA THR B 293 3.34 31.74 -1.05
C THR B 293 3.18 30.89 0.19
N ALA B 294 4.17 30.02 0.41
CA ALA B 294 4.32 29.32 1.68
C ALA B 294 5.69 29.62 2.27
N ASN B 295 5.76 29.64 3.59
CA ASN B 295 7.05 29.49 4.25
C ASN B 295 6.96 28.71 5.57
N ASN B 296 8.12 28.23 5.98
CA ASN B 296 8.24 27.40 7.17
C ASN B 296 9.22 28.06 8.12
N PRO B 297 9.34 27.55 9.37
CA PRO B 297 10.18 28.23 10.36
C PRO B 297 11.67 28.36 10.03
N GLU B 298 12.18 27.52 9.12
CA GLU B 298 13.55 27.68 8.60
C GLU B 298 13.72 28.89 7.68
N GLN B 299 12.63 29.57 7.33
CA GLN B 299 12.63 30.66 6.34
C GLN B 299 12.93 30.15 4.92
N GLU B 300 12.44 28.95 4.62
CA GLU B 300 12.34 28.48 3.25
C GLU B 300 11.03 29.08 2.72
N GLU B 301 10.99 29.44 1.44
CA GLU B 301 9.82 30.07 0.83
C GLU B 301 9.53 29.47 -0.52
N ALA B 302 8.24 29.29 -0.82
CA ALA B 302 7.75 28.93 -2.15
C ALA B 302 6.84 30.05 -2.64
N GLU B 303 6.95 30.37 -3.92
CA GLU B 303 6.02 31.29 -4.54
C GLU B 303 5.58 30.74 -5.88
N GLU B 304 4.28 30.80 -6.12
CA GLU B 304 3.68 30.39 -7.39
C GLU B 304 2.85 31.57 -7.91
N ILE B 305 2.99 31.86 -9.19
CA ILE B 305 2.18 32.90 -9.83
C ILE B 305 1.39 32.23 -10.90
N LEU B 306 0.10 32.56 -10.98
CA LEU B 306 -0.76 32.04 -12.04
C LEU B 306 -1.66 33.14 -12.61
N ASP B 307 -1.99 33.01 -13.89
CA ASP B 307 -3.03 33.83 -14.47
C ASP B 307 -4.36 33.25 -14.08
N VAL B 308 -5.29 34.10 -13.65
CA VAL B 308 -6.64 33.67 -13.30
C VAL B 308 -7.62 34.72 -13.84
N THR B 309 -8.91 34.44 -13.79
CA THR B 309 -9.94 35.45 -14.07
C THR B 309 -10.39 36.13 -12.77
N TYR B 310 -10.18 37.44 -12.69
CA TYR B 310 -10.49 38.22 -11.51
C TYR B 310 -10.49 39.73 -11.76
N SER B 311 -11.58 40.41 -11.36
CA SER B 311 -11.77 41.88 -11.50
C SER B 311 -11.84 42.64 -10.18
N GLY B 312 -11.92 41.93 -9.06
CA GLY B 312 -12.16 42.57 -7.76
C GLY B 312 -11.06 43.48 -7.24
N ALA B 313 -11.28 43.99 -6.02
CA ALA B 313 -10.25 44.65 -5.23
C ALA B 313 -9.22 43.62 -4.82
N GLU B 314 -7.95 44.04 -4.72
CA GLU B 314 -6.88 43.11 -4.33
C GLU B 314 -7.15 42.67 -2.90
N MET B 315 -6.76 41.45 -2.55
CA MET B 315 -6.80 41.01 -1.16
C MET B 315 -5.79 39.90 -0.91
N GLU B 316 -5.62 39.57 0.36
CA GLU B 316 -4.64 38.60 0.80
C GLU B 316 -5.30 37.75 1.88
N ILE B 317 -5.13 36.42 1.79
CA ILE B 317 -5.76 35.52 2.76
C ILE B 317 -4.97 34.20 2.91
N GLY B 318 -5.01 33.63 4.12
CA GLY B 318 -4.30 32.37 4.42
C GLY B 318 -5.22 31.17 4.57
N PHE B 319 -4.85 30.03 3.95
CA PHE B 319 -5.57 28.75 4.15
C PHE B 319 -4.66 27.57 4.48
N ASN B 320 -5.22 26.60 5.18
CA ASN B 320 -4.58 25.30 5.38
C ASN B 320 -4.56 24.63 4.02
N VAL B 321 -3.35 24.41 3.49
CA VAL B 321 -3.24 23.93 2.11
C VAL B 321 -3.78 22.50 1.96
N SER B 322 -3.75 21.69 3.03
CA SER B 322 -4.33 20.34 2.97
C SER B 322 -5.82 20.41 2.63
N TYR B 323 -6.54 21.32 3.28
CA TYR B 323 -7.97 21.47 3.05
C TYR B 323 -8.27 21.92 1.63
N VAL B 324 -7.46 22.85 1.13
CA VAL B 324 -7.65 23.32 -0.24
C VAL B 324 -7.39 22.19 -1.22
N LEU B 325 -6.28 21.46 -1.01
CA LEU B 325 -5.92 20.33 -1.83
C LEU B 325 -6.97 19.24 -1.81
N ASP B 326 -7.51 18.94 -0.62
CA ASP B 326 -8.60 17.98 -0.49
C ASP B 326 -9.76 18.36 -1.39
N VAL B 327 -10.09 19.66 -1.36
CA VAL B 327 -11.22 20.18 -2.14
C VAL B 327 -10.93 20.05 -3.61
N LEU B 328 -9.76 20.53 -4.03
CA LEU B 328 -9.38 20.49 -5.46
C LEU B 328 -9.22 19.04 -5.97
N ASN B 329 -8.84 18.13 -5.09
CA ASN B 329 -8.75 16.71 -5.45
C ASN B 329 -10.10 16.09 -5.63
N ALA B 330 -11.05 16.50 -4.78
CA ALA B 330 -12.42 16.01 -4.88
C ALA B 330 -13.14 16.66 -6.05
N LEU B 331 -12.66 17.80 -6.53
CA LEU B 331 -13.32 18.48 -7.65
C LEU B 331 -13.13 17.80 -8.99
N LYS B 332 -11.89 17.45 -9.31
CA LYS B 332 -11.57 16.76 -10.57
C LYS B 332 -12.31 17.33 -11.79
N CYS B 333 -12.48 18.65 -11.84
CA CYS B 333 -13.13 19.34 -12.96
C CYS B 333 -12.09 20.23 -13.66
N GLU B 334 -12.47 20.94 -14.71
CA GLU B 334 -11.51 21.74 -15.48
C GLU B 334 -11.25 23.11 -14.88
N ASN B 335 -12.29 23.72 -14.32
CA ASN B 335 -12.18 25.05 -13.73
C ASN B 335 -12.87 25.15 -12.39
N VAL B 336 -12.26 25.90 -11.49
CA VAL B 336 -12.76 26.08 -10.14
C VAL B 336 -13.17 27.56 -9.95
N ARG B 337 -14.17 27.77 -9.10
CA ARG B 337 -14.64 29.10 -8.73
C ARG B 337 -14.35 29.29 -7.25
N MET B 338 -13.50 30.26 -6.93
CA MET B 338 -13.27 30.62 -5.54
C MET B 338 -14.03 31.91 -5.28
N MET B 339 -14.87 31.89 -4.24
CA MET B 339 -15.77 33.01 -3.97
C MET B 339 -15.40 33.60 -2.62
N LEU B 340 -14.72 34.74 -2.66
CA LEU B 340 -14.10 35.33 -1.50
C LEU B 340 -14.87 36.54 -1.03
N THR B 341 -14.66 36.89 0.24
CA THR B 341 -15.28 38.02 0.90
C THR B 341 -14.17 38.94 1.41
N ASP B 342 -13.35 38.43 2.32
CA ASP B 342 -12.21 39.17 2.85
C ASP B 342 -11.22 38.22 3.54
N SER B 343 -10.16 38.78 4.12
CA SER B 343 -9.07 37.98 4.72
C SER B 343 -9.45 37.26 6.02
N VAL B 344 -10.63 37.57 6.56
CA VAL B 344 -11.09 36.99 7.80
C VAL B 344 -12.35 36.14 7.62
N SER B 345 -12.77 35.96 6.36
CA SER B 345 -14.00 35.21 6.05
C SER B 345 -13.69 33.95 5.22
N SER B 346 -14.41 32.86 5.51
CA SER B 346 -14.23 31.61 4.78
C SER B 346 -14.39 31.84 3.30
N VAL B 347 -13.87 30.90 2.51
CA VAL B 347 -14.04 30.93 1.05
C VAL B 347 -15.01 29.82 0.67
N GLN B 348 -15.81 30.07 -0.36
CA GLN B 348 -16.62 29.03 -0.95
C GLN B 348 -15.99 28.62 -2.26
N ILE B 349 -15.78 27.32 -2.43
CA ILE B 349 -15.16 26.83 -3.63
C ILE B 349 -16.14 25.90 -4.33
N GLU B 350 -16.23 26.02 -5.64
CA GLU B 350 -17.10 25.21 -6.44
C GLU B 350 -16.46 24.92 -7.78
N ASP B 351 -16.94 23.86 -8.42
CA ASP B 351 -16.73 23.68 -9.85
C ASP B 351 -17.30 24.94 -10.49
N ALA B 352 -16.53 25.59 -11.36
CA ALA B 352 -16.97 26.84 -11.98
C ALA B 352 -18.13 26.59 -12.94
N ALA B 353 -18.27 25.34 -13.39
CA ALA B 353 -19.26 24.96 -14.38
C ALA B 353 -20.50 24.34 -13.75
N SER B 354 -20.57 24.26 -12.43
CA SER B 354 -21.76 23.69 -11.78
C SER B 354 -21.77 23.91 -10.29
N GLN B 355 -22.91 24.37 -9.78
CA GLN B 355 -23.08 24.64 -8.35
C GLN B 355 -23.60 23.44 -7.55
N SER B 356 -23.52 22.22 -8.10
CA SER B 356 -24.09 21.04 -7.43
C SER B 356 -23.36 20.70 -6.13
N ALA B 357 -22.05 20.96 -6.11
CA ALA B 357 -21.27 20.89 -4.88
C ALA B 357 -20.70 22.27 -4.54
N ALA B 358 -20.49 22.49 -3.25
CA ALA B 358 -19.79 23.67 -2.75
C ALA B 358 -18.99 23.26 -1.53
N TYR B 359 -17.88 23.97 -1.30
CA TYR B 359 -16.98 23.67 -0.20
C TYR B 359 -16.65 24.94 0.57
N VAL B 360 -16.66 24.84 1.89
CA VAL B 360 -16.31 25.95 2.73
C VAL B 360 -15.07 25.60 3.52
N VAL B 361 -14.08 26.48 3.45
CA VAL B 361 -12.86 26.33 4.21
C VAL B 361 -12.70 27.59 5.04
N MET B 362 -12.41 27.43 6.33
CA MET B 362 -12.13 28.57 7.18
C MET B 362 -10.76 29.11 6.85
N PRO B 363 -10.54 30.42 7.09
CA PRO B 363 -9.22 31.01 6.91
C PRO B 363 -8.35 30.76 8.14
N MET B 364 -7.03 30.85 7.99
CA MET B 364 -6.15 30.83 9.16
C MET B 364 -5.31 32.10 9.14
N ARG B 365 -4.86 32.53 10.31
CA ARG B 365 -4.13 33.80 10.46
C ARG B 365 -2.73 33.72 9.86
#